data_7L79
#
_entry.id   7L79
#
_cell.length_a   62.792
_cell.length_b   135.950
_cell.length_c   136.908
_cell.angle_alpha   90.000
_cell.angle_beta   90.000
_cell.angle_gamma   90.000
#
_symmetry.space_group_name_H-M   'P 21 21 21'
#
loop_
_entity.id
_entity.type
_entity.pdbx_description
1 polymer 'Heavy chain of VRC40.01'
2 polymer 'Light chain of VRC40.01'
3 non-polymer 'ZINC ION'
4 water water
#
loop_
_entity_poly.entity_id
_entity_poly.type
_entity_poly.pdbx_seq_one_letter_code
_entity_poly.pdbx_strand_id
1 'polypeptide(L)'
;QVQLIQSGPQFKTPGASVTVSCKASGYIFTDYLIHWVRLVPGKGLEWLGRINTNAGLMYLSHKFEGRLILRRVVDWRTPS
LGTVNMELRNVRSDDSAIYFCGRVVDGFNAAGPLEFWGQGSPVIVSSASTKGPSVFPLAPSSKSTSGGTAALGCLVKDYF
PEPVTVSWNSGALTSGVHTFPAVLQSSGLYSLSSVVTVPSSSLGTQTYICNVNHKPSNTKVDKKVEPKSC
;
H,A
2 'polypeptide(L)'
;QVVMTQSPATLSLSPGETAAVSCRASQYVDRSISWYQLKTGRAPRLLVYAASSRSIGVPDRFSGSGSGRDFTLTIRGVQS
DDFALYYCQQDYYWPVTFGQGTRLDMKRTVAAPSVFIFPPSDEQLKSGTASVVCLLNNFYPREAKVQWKVDNALQSGNSQ
ESVTEQDSKDSTYSLSSTLTLSKADYEKHKVYACEVTHQGLSSPVTKSFNRGEC
;
L,B
#
# COMPACT_ATOMS: atom_id res chain seq x y z
N GLN A 1 58.34 -12.10 0.22
CA GLN A 1 57.76 -13.35 -0.27
C GLN A 1 56.34 -13.12 -0.84
N VAL A 2 55.32 -13.40 -0.01
CA VAL A 2 53.94 -13.31 -0.48
C VAL A 2 53.55 -11.85 -0.68
N GLN A 3 52.83 -11.57 -1.76
CA GLN A 3 52.49 -10.20 -2.09
C GLN A 3 51.28 -10.27 -3.02
N LEU A 4 50.36 -9.35 -2.76
CA LEU A 4 49.12 -9.16 -3.50
C LEU A 4 48.98 -7.68 -3.82
N ILE A 5 49.24 -7.32 -5.09
CA ILE A 5 49.11 -5.95 -5.58
C ILE A 5 47.79 -5.80 -6.31
N GLN A 6 47.03 -4.75 -6.01
CA GLN A 6 45.71 -4.56 -6.60
C GLN A 6 45.71 -3.31 -7.47
N SER A 7 44.57 -3.05 -8.10
CA SER A 7 44.40 -1.91 -8.97
C SER A 7 44.54 -0.61 -8.18
N GLY A 8 44.79 0.48 -8.90
CA GLY A 8 44.73 1.80 -8.33
C GLY A 8 43.28 2.21 -8.15
N PRO A 9 43.03 3.25 -7.34
CA PRO A 9 41.65 3.64 -7.05
C PRO A 9 40.90 4.08 -8.31
N GLN A 10 39.65 3.63 -8.43
CA GLN A 10 38.86 3.89 -9.63
C GLN A 10 37.61 4.69 -9.30
N PHE A 11 37.13 5.49 -10.27
CA PHE A 11 35.93 6.30 -10.09
C PHE A 11 34.97 6.02 -11.24
N LYS A 12 33.79 5.51 -10.92
CA LYS A 12 32.82 5.10 -11.92
C LYS A 12 31.49 5.81 -11.69
N THR A 13 30.77 6.03 -12.78
CA THR A 13 29.44 6.62 -12.67
C THR A 13 28.40 5.53 -12.45
N PRO A 14 27.26 5.87 -11.84
CA PRO A 14 26.24 4.85 -11.57
C PRO A 14 25.88 4.07 -12.82
N GLY A 15 25.54 2.79 -12.61
CA GLY A 15 25.20 1.90 -13.70
C GLY A 15 26.38 1.28 -14.41
N ALA A 16 27.58 1.80 -14.22
CA ALA A 16 28.73 1.32 -14.95
C ALA A 16 29.27 0.06 -14.32
N SER A 17 30.25 -0.53 -14.99
CA SER A 17 30.96 -1.70 -14.48
C SER A 17 32.36 -1.32 -14.06
N VAL A 18 32.81 -1.94 -12.98
CA VAL A 18 34.15 -1.78 -12.47
C VAL A 18 34.83 -3.14 -12.45
N THR A 19 36.13 -3.12 -12.73
CA THR A 19 36.97 -4.31 -12.65
C THR A 19 38.18 -4.01 -11.78
N VAL A 20 38.44 -4.88 -10.81
CA VAL A 20 39.54 -4.72 -9.88
C VAL A 20 40.43 -5.95 -10.02
N SER A 21 41.63 -5.75 -10.52
CA SER A 21 42.55 -6.85 -10.72
C SER A 21 43.48 -6.97 -9.52
N CYS A 22 43.79 -8.20 -9.13
CA CYS A 22 44.69 -8.49 -8.03
C CYS A 22 45.75 -9.47 -8.53
N LYS A 23 47.02 -9.06 -8.47
CA LYS A 23 48.14 -9.87 -8.95
C LYS A 23 48.87 -10.51 -7.77
N ALA A 24 48.82 -11.84 -7.70
CA ALA A 24 49.47 -12.61 -6.64
C ALA A 24 50.89 -12.99 -7.03
N SER A 25 51.76 -13.07 -6.02
CA SER A 25 53.17 -13.40 -6.20
C SER A 25 53.67 -14.10 -4.94
N GLY A 26 54.79 -14.81 -5.10
CA GLY A 26 55.52 -15.35 -3.96
C GLY A 26 55.03 -16.67 -3.42
N TYR A 27 54.14 -17.36 -4.12
CA TYR A 27 53.65 -18.65 -3.66
C TYR A 27 53.08 -19.39 -4.86
N ILE A 28 52.78 -20.67 -4.66
CA ILE A 28 52.18 -21.45 -5.74
C ILE A 28 50.76 -20.96 -5.94
N PHE A 29 50.52 -20.36 -7.10
CA PHE A 29 49.26 -19.66 -7.32
C PHE A 29 48.06 -20.59 -7.25
N THR A 30 48.17 -21.79 -7.82
CA THR A 30 47.01 -22.65 -7.94
C THR A 30 46.73 -23.47 -6.68
N ASP A 31 47.36 -23.14 -5.57
CA ASP A 31 47.26 -23.95 -4.38
C ASP A 31 46.37 -23.33 -3.31
N TYR A 32 45.86 -22.12 -3.53
CA TYR A 32 45.12 -21.40 -2.51
C TYR A 32 43.95 -20.64 -3.14
N LEU A 33 42.84 -20.56 -2.43
CA LEU A 33 41.70 -19.79 -2.88
C LEU A 33 41.89 -18.32 -2.56
N ILE A 34 41.59 -17.46 -3.53
CA ILE A 34 41.58 -16.01 -3.32
C ILE A 34 40.18 -15.59 -2.91
N HIS A 35 40.08 -14.76 -1.88
CA HIS A 35 38.79 -14.23 -1.46
C HIS A 35 38.75 -12.74 -1.73
N TRP A 36 37.53 -12.20 -1.76
CA TRP A 36 37.30 -10.78 -1.95
C TRP A 36 36.40 -10.28 -0.83
N VAL A 37 36.81 -9.18 -0.23
CA VAL A 37 36.07 -8.53 0.85
C VAL A 37 36.04 -7.03 0.58
N ARG A 38 34.86 -6.46 0.75
CA ARG A 38 34.62 -5.02 0.63
C ARG A 38 34.58 -4.40 2.01
N LEU A 39 35.27 -3.25 2.17
CA LEU A 39 35.18 -2.44 3.39
C LEU A 39 34.44 -1.14 3.07
N VAL A 40 33.20 -1.03 3.51
CA VAL A 40 32.42 0.20 3.34
C VAL A 40 32.71 1.14 4.50
N PRO A 41 32.97 2.43 4.24
CA PRO A 41 33.54 3.29 5.30
C PRO A 41 32.73 3.31 6.59
N GLY A 42 31.45 3.66 6.51
CA GLY A 42 30.64 3.76 7.71
C GLY A 42 30.32 2.41 8.32
N LYS A 43 29.84 1.48 7.51
CA LYS A 43 29.50 0.14 7.98
C LYS A 43 30.76 -0.68 8.25
N GLY A 44 30.67 -1.99 8.09
CA GLY A 44 31.82 -2.83 8.38
C GLY A 44 32.42 -3.54 7.18
N LEU A 45 32.68 -4.83 7.34
CA LEU A 45 33.25 -5.66 6.29
C LEU A 45 32.17 -6.53 5.65
N GLU A 46 32.35 -6.80 4.36
CA GLU A 46 31.40 -7.56 3.57
C GLU A 46 32.15 -8.56 2.72
N TRP A 47 31.73 -9.81 2.74
CA TRP A 47 32.34 -10.85 1.92
C TRP A 47 31.65 -10.86 0.56
N LEU A 48 32.45 -10.78 -0.50
CA LEU A 48 31.91 -10.77 -1.84
C LEU A 48 31.88 -12.18 -2.42
N GLY A 49 33.01 -12.86 -2.40
CA GLY A 49 33.06 -14.23 -2.83
C GLY A 49 34.48 -14.75 -2.84
N ARG A 50 34.68 -15.85 -3.55
CA ARG A 50 35.98 -16.51 -3.58
C ARG A 50 36.10 -17.31 -4.88
N ILE A 51 37.34 -17.46 -5.37
CA ILE A 51 37.62 -18.13 -6.64
C ILE A 51 38.63 -19.24 -6.44
N ASN A 52 38.42 -20.36 -7.09
CA ASN A 52 39.37 -21.47 -7.06
C ASN A 52 40.39 -21.24 -8.17
N THR A 53 41.59 -20.77 -7.80
CA THR A 53 42.49 -20.30 -8.84
C THR A 53 42.96 -21.41 -9.76
N ASN A 54 42.71 -22.66 -9.42
CA ASN A 54 43.13 -23.78 -10.27
C ASN A 54 42.11 -24.07 -11.36
N ALA A 55 40.90 -24.48 -10.96
CA ALA A 55 39.84 -24.74 -11.91
C ALA A 55 39.08 -23.49 -12.35
N GLY A 56 39.20 -22.37 -11.64
CA GLY A 56 38.53 -21.14 -12.03
C GLY A 56 37.09 -21.00 -11.56
N LEU A 57 36.59 -21.93 -10.75
CA LEU A 57 35.21 -21.87 -10.27
C LEU A 57 35.01 -20.69 -9.33
N MET A 58 33.76 -20.24 -9.25
CA MET A 58 33.38 -19.04 -8.54
C MET A 58 32.27 -19.36 -7.52
N TYR A 59 32.42 -18.83 -6.31
CA TYR A 59 31.45 -18.98 -5.23
C TYR A 59 31.22 -17.61 -4.63
N LEU A 60 29.98 -17.13 -4.67
CA LEU A 60 29.66 -15.78 -4.24
C LEU A 60 28.51 -15.82 -3.25
N SER A 61 28.42 -14.78 -2.42
CA SER A 61 27.27 -14.70 -1.54
C SER A 61 26.04 -14.29 -2.33
N HIS A 62 24.87 -14.67 -1.82
CA HIS A 62 23.65 -14.46 -2.59
C HIS A 62 23.49 -13.01 -3.03
N LYS A 63 23.84 -12.07 -2.16
CA LYS A 63 23.67 -10.65 -2.44
C LYS A 63 24.32 -10.22 -3.76
N PHE A 64 25.18 -11.04 -4.35
CA PHE A 64 25.94 -10.63 -5.52
C PHE A 64 25.83 -11.55 -6.73
N GLU A 65 25.24 -12.74 -6.60
CA GLU A 65 25.09 -13.62 -7.76
C GLU A 65 24.36 -12.88 -8.88
N GLY A 66 24.93 -12.95 -10.09
CA GLY A 66 24.36 -12.27 -11.24
C GLY A 66 24.82 -10.85 -11.42
N ARG A 67 25.48 -10.26 -10.43
CA ARG A 67 26.02 -8.92 -10.53
C ARG A 67 27.55 -8.87 -10.54
N LEU A 68 28.23 -10.00 -10.34
CA LEU A 68 29.67 -10.00 -10.13
C LEU A 68 30.27 -11.29 -10.66
N ILE A 69 31.43 -11.19 -11.30
CA ILE A 69 32.10 -12.34 -11.87
C ILE A 69 33.57 -12.29 -11.51
N LEU A 70 34.11 -13.42 -11.03
CA LEU A 70 35.52 -13.55 -10.71
C LEU A 70 36.19 -14.40 -11.77
N ARG A 71 37.34 -13.95 -12.25
CA ARG A 71 38.09 -14.66 -13.27
C ARG A 71 39.56 -14.63 -12.88
N ARG A 72 40.25 -15.73 -13.14
CA ARG A 72 41.67 -15.82 -12.84
C ARG A 72 42.45 -16.13 -14.12
N VAL A 73 43.66 -15.63 -14.21
CA VAL A 73 44.59 -15.97 -15.28
C VAL A 73 45.87 -16.53 -14.66
N VAL A 74 46.23 -17.75 -15.03
CA VAL A 74 47.43 -18.40 -14.53
C VAL A 74 48.56 -18.18 -15.51
N ASP A 75 49.76 -17.97 -14.99
CA ASP A 75 50.87 -17.52 -15.81
C ASP A 75 51.51 -18.70 -16.54
N TRP A 76 51.30 -18.73 -17.85
CA TRP A 76 52.26 -19.10 -18.89
C TRP A 76 53.70 -18.91 -18.34
N ARG A 77 54.30 -20.02 -17.81
CA ARG A 77 55.74 -20.13 -17.46
C ARG A 77 55.99 -20.56 -16.03
N THR A 78 55.21 -20.07 -15.06
CA THR A 78 55.60 -20.24 -13.66
C THR A 78 54.37 -20.43 -12.81
N PRO A 79 54.45 -21.21 -11.73
CA PRO A 79 53.31 -21.39 -10.84
C PRO A 79 53.24 -20.38 -9.71
N SER A 80 54.24 -19.51 -9.56
CA SER A 80 54.31 -18.58 -8.45
C SER A 80 53.89 -17.17 -8.82
N LEU A 81 53.00 -17.02 -9.79
CA LEU A 81 52.50 -15.73 -10.23
C LEU A 81 51.13 -15.93 -10.86
N GLY A 82 50.15 -15.18 -10.39
CA GLY A 82 48.84 -15.27 -11.02
C GLY A 82 48.07 -14.00 -10.78
N THR A 83 47.05 -13.79 -11.59
CA THR A 83 46.22 -12.60 -11.40
C THR A 83 44.77 -13.02 -11.29
N VAL A 84 44.05 -12.41 -10.34
CA VAL A 84 42.62 -12.65 -10.18
C VAL A 84 41.91 -11.32 -10.38
N ASN A 85 40.95 -11.29 -11.29
CA ASN A 85 40.20 -10.08 -11.58
C ASN A 85 38.77 -10.21 -11.05
N MET A 86 38.23 -9.08 -10.64
CA MET A 86 36.86 -8.97 -10.15
C MET A 86 36.12 -7.97 -11.03
N GLU A 87 34.85 -8.25 -11.32
CA GLU A 87 34.04 -7.35 -12.14
C GLU A 87 32.62 -7.27 -11.60
N LEU A 88 32.20 -6.07 -11.22
CA LEU A 88 30.90 -5.82 -10.61
C LEU A 88 30.11 -4.85 -11.51
N ARG A 89 28.96 -5.29 -12.00
CA ARG A 89 28.15 -4.49 -12.91
C ARG A 89 27.15 -3.61 -12.15
N ASN A 90 26.70 -2.55 -12.82
CA ASN A 90 25.66 -1.64 -12.34
C ASN A 90 25.97 -1.13 -10.94
N VAL A 91 27.08 -0.40 -10.82
CA VAL A 91 27.48 0.10 -9.52
C VAL A 91 26.57 1.25 -9.11
N ARG A 92 26.38 1.39 -7.80
CA ARG A 92 25.48 2.39 -7.25
C ARG A 92 26.05 2.89 -5.93
N SER A 93 25.39 3.90 -5.36
CA SER A 93 25.81 4.54 -4.12
C SER A 93 26.29 3.52 -3.10
N ASP A 94 25.54 2.43 -2.93
CA ASP A 94 25.86 1.41 -1.93
C ASP A 94 27.15 0.66 -2.22
N ASP A 95 27.77 0.86 -3.38
CA ASP A 95 28.92 0.06 -3.77
C ASP A 95 30.27 0.77 -3.55
N SER A 96 30.26 2.09 -3.35
CA SER A 96 31.47 2.80 -3.00
C SER A 96 32.09 2.21 -1.74
N ALA A 97 33.34 1.76 -1.83
CA ALA A 97 34.03 1.17 -0.70
C ALA A 97 35.43 0.79 -1.15
N ILE A 98 36.23 0.31 -0.19
CA ILE A 98 37.56 -0.22 -0.47
C ILE A 98 37.43 -1.71 -0.68
N TYR A 99 37.80 -2.18 -1.87
CA TYR A 99 37.70 -3.60 -2.22
C TYR A 99 39.04 -4.26 -2.00
N PHE A 100 39.07 -5.24 -1.10
CA PHE A 100 40.28 -5.94 -0.72
C PHE A 100 40.34 -7.33 -1.33
N CYS A 101 41.56 -7.81 -1.47
CA CYS A 101 41.86 -9.08 -2.08
C CYS A 101 42.75 -9.86 -1.12
N GLY A 102 42.43 -11.13 -0.90
CA GLY A 102 43.18 -11.89 0.10
C GLY A 102 43.08 -13.37 -0.09
N ARG A 103 44.10 -14.09 0.37
CA ARG A 103 44.15 -15.54 0.23
C ARG A 103 44.26 -16.20 1.60
N VAL A 104 43.83 -17.45 1.65
CA VAL A 104 43.64 -18.14 2.92
C VAL A 104 44.98 -18.58 3.50
N VAL A 105 44.96 -18.89 4.80
CA VAL A 105 46.07 -19.61 5.41
C VAL A 105 46.22 -20.99 4.78
N ASP A 106 47.46 -21.49 4.74
CA ASP A 106 47.74 -22.80 4.17
C ASP A 106 46.97 -23.89 4.91
N GLY A 107 46.19 -24.67 4.17
CA GLY A 107 45.34 -25.70 4.74
C GLY A 107 43.89 -25.31 4.96
N PHE A 108 43.52 -24.05 4.71
CA PHE A 108 42.17 -23.56 4.96
C PHE A 108 41.44 -23.20 3.67
N ASN A 109 41.70 -23.96 2.59
CA ASN A 109 40.98 -23.74 1.34
C ASN A 109 39.48 -23.91 1.48
N ALA A 110 39.03 -24.75 2.42
CA ALA A 110 37.61 -25.01 2.63
C ALA A 110 36.94 -23.95 3.49
N ALA A 111 37.71 -23.07 4.13
CA ALA A 111 37.20 -22.06 5.02
C ALA A 111 37.58 -20.68 4.46
N GLY A 112 37.77 -19.69 5.33
CA GLY A 112 38.16 -18.37 4.86
C GLY A 112 38.83 -17.42 5.82
N PRO A 113 39.76 -17.91 6.64
CA PRO A 113 40.66 -17.02 7.38
C PRO A 113 41.75 -16.51 6.45
N LEU A 114 41.71 -15.21 6.16
CA LEU A 114 42.61 -14.60 5.18
C LEU A 114 43.87 -14.09 5.86
N GLU A 115 45.03 -14.60 5.42
CA GLU A 115 46.31 -14.22 6.02
C GLU A 115 47.04 -13.11 5.27
N PHE A 116 46.85 -13.03 3.95
CA PHE A 116 47.57 -12.09 3.10
C PHE A 116 46.56 -11.26 2.32
N TRP A 117 46.72 -9.93 2.37
CA TRP A 117 45.80 -8.98 1.76
C TRP A 117 46.52 -8.13 0.74
N GLY A 118 45.77 -7.63 -0.25
CA GLY A 118 46.26 -6.56 -1.08
C GLY A 118 46.09 -5.21 -0.41
N GLN A 119 46.79 -4.21 -0.95
CA GLN A 119 46.77 -2.90 -0.31
C GLN A 119 45.37 -2.30 -0.25
N GLY A 120 44.43 -2.82 -1.03
CA GLY A 120 43.10 -2.24 -1.11
C GLY A 120 42.89 -1.39 -2.35
N SER A 121 41.70 -1.43 -2.91
CA SER A 121 41.37 -0.70 -4.13
C SER A 121 40.10 0.11 -3.90
N PRO A 122 40.22 1.39 -3.60
CA PRO A 122 39.02 2.22 -3.43
C PRO A 122 38.34 2.42 -4.77
N VAL A 123 37.01 2.23 -4.80
CA VAL A 123 36.21 2.54 -5.98
C VAL A 123 35.04 3.41 -5.53
N ILE A 124 35.02 4.67 -5.97
CA ILE A 124 33.94 5.59 -5.65
C ILE A 124 33.01 5.68 -6.83
N VAL A 125 31.72 5.66 -6.55
CA VAL A 125 30.70 5.80 -7.58
C VAL A 125 30.07 7.17 -7.42
N SER A 126 30.40 8.07 -8.33
CA SER A 126 29.82 9.40 -8.31
C SER A 126 29.47 9.82 -9.73
N SER A 127 28.49 10.73 -9.82
CA SER A 127 28.05 11.31 -11.08
C SER A 127 28.82 12.60 -11.37
N ALA A 128 30.14 12.48 -11.50
CA ALA A 128 30.94 13.70 -11.52
C ALA A 128 32.34 13.47 -12.08
N SER A 129 32.86 14.52 -12.71
CA SER A 129 34.22 14.56 -13.23
C SER A 129 35.10 15.42 -12.30
N THR A 130 36.38 15.52 -12.66
CA THR A 130 37.34 16.21 -11.82
C THR A 130 36.93 17.68 -11.67
N LYS A 131 37.01 18.19 -10.44
CA LYS A 131 36.55 19.54 -10.15
C LYS A 131 37.41 20.14 -9.04
N GLY A 132 37.58 21.45 -9.12
CA GLY A 132 38.31 22.18 -8.10
C GLY A 132 37.39 22.70 -7.01
N PRO A 133 37.93 22.81 -5.80
CA PRO A 133 37.09 23.19 -4.67
C PRO A 133 36.84 24.69 -4.60
N SER A 134 35.71 25.04 -4.01
CA SER A 134 35.40 26.39 -3.59
C SER A 134 35.66 26.49 -2.09
N VAL A 135 36.45 27.47 -1.68
CA VAL A 135 36.91 27.60 -0.29
C VAL A 135 36.25 28.82 0.32
N PHE A 136 35.45 28.61 1.36
CA PHE A 136 34.75 29.69 2.03
C PHE A 136 35.25 29.86 3.46
N PRO A 137 35.30 31.09 3.96
CA PRO A 137 35.72 31.30 5.35
C PRO A 137 34.63 30.90 6.33
N LEU A 138 35.08 30.39 7.48
CA LEU A 138 34.21 30.17 8.62
C LEU A 138 34.74 30.97 9.80
N ALA A 139 33.92 31.89 10.31
CA ALA A 139 34.29 32.72 11.45
C ALA A 139 33.09 32.87 12.40
N PRO A 140 33.37 33.20 13.67
CA PRO A 140 32.26 33.36 14.62
C PRO A 140 31.35 34.52 14.21
N SER A 141 30.06 34.35 14.46
CA SER A 141 29.05 35.25 13.92
C SER A 141 29.10 36.61 14.62
N SER A 142 28.26 37.51 14.12
CA SER A 142 28.40 38.92 14.45
C SER A 142 28.30 39.13 15.94
N LYS A 143 27.23 38.62 16.56
CA LYS A 143 26.99 38.70 18.01
C LYS A 143 27.29 37.38 18.72
N SER A 144 28.37 36.72 18.37
CA SER A 144 28.73 35.45 19.01
C SER A 144 29.78 35.71 20.08
N THR A 145 29.51 35.32 21.31
CA THR A 145 30.54 35.31 22.34
C THR A 145 31.12 33.92 22.41
N SER A 146 32.43 33.83 22.58
CA SER A 146 33.07 32.57 22.92
C SER A 146 33.98 32.87 24.11
N GLY A 147 33.51 32.53 25.31
CA GLY A 147 34.33 32.69 26.50
C GLY A 147 35.64 31.95 26.36
N GLY A 148 36.72 32.63 26.74
CA GLY A 148 38.06 32.10 26.60
C GLY A 148 38.55 32.10 25.17
N THR A 149 38.48 30.95 24.51
CA THR A 149 39.06 30.78 23.19
C THR A 149 37.98 30.82 22.11
N ALA A 150 38.39 31.20 20.90
CA ALA A 150 37.50 31.23 19.75
C ALA A 150 38.05 30.38 18.61
N ALA A 151 37.24 30.21 17.58
CA ALA A 151 37.58 29.31 16.49
C ALA A 151 37.19 29.91 15.15
N LEU A 152 37.85 29.41 14.12
CA LEU A 152 37.61 29.81 12.74
C LEU A 152 38.11 28.69 11.84
N GLY A 153 37.88 28.83 10.55
CA GLY A 153 38.38 27.81 9.64
C GLY A 153 38.02 28.09 8.20
N CYS A 154 38.21 27.04 7.40
CA CYS A 154 37.93 27.04 5.97
C CYS A 154 37.04 25.86 5.65
N LEU A 155 35.97 26.12 4.91
CA LEU A 155 35.15 25.06 4.35
C LEU A 155 35.60 24.85 2.91
N VAL A 156 36.11 23.65 2.61
CA VAL A 156 36.58 23.29 1.27
C VAL A 156 35.47 22.48 0.62
N LYS A 157 34.73 23.08 -0.31
CA LYS A 157 33.47 22.53 -0.75
C LYS A 157 33.51 22.10 -2.22
N ASP A 158 32.76 21.04 -2.51
CA ASP A 158 32.38 20.64 -3.86
C ASP A 158 33.62 20.40 -4.75
N TYR A 159 34.32 19.31 -4.44
CA TYR A 159 35.50 18.92 -5.18
C TYR A 159 35.48 17.41 -5.38
N PHE A 160 36.29 16.95 -6.34
CA PHE A 160 36.31 15.56 -6.79
C PHE A 160 37.47 15.39 -7.76
N PRO A 161 38.26 14.29 -7.67
CA PRO A 161 38.23 13.28 -6.62
C PRO A 161 39.00 13.72 -5.38
N GLU A 162 39.10 12.84 -4.38
CA GLU A 162 40.05 13.05 -3.30
C GLU A 162 41.48 12.93 -3.83
N PRO A 163 42.46 13.44 -3.09
CA PRO A 163 42.33 14.14 -1.81
C PRO A 163 42.72 15.60 -1.90
N VAL A 164 42.64 16.32 -0.78
CA VAL A 164 43.14 17.70 -0.69
C VAL A 164 44.09 17.82 0.49
N THR A 165 44.94 18.84 0.44
CA THR A 165 45.83 19.21 1.53
C THR A 165 45.42 20.57 2.06
N VAL A 166 45.50 20.77 3.38
CA VAL A 166 45.08 22.02 3.99
C VAL A 166 46.06 22.38 5.09
N SER A 167 46.82 23.44 4.88
CA SER A 167 47.68 23.99 5.92
C SER A 167 47.17 25.36 6.31
N TRP A 168 47.90 26.02 7.20
CA TRP A 168 47.49 27.32 7.69
C TRP A 168 48.71 28.21 7.86
N ASN A 169 48.57 29.46 7.42
CA ASN A 169 49.68 30.40 7.46
C ASN A 169 50.92 29.76 6.84
N SER A 170 50.71 29.03 5.75
CA SER A 170 51.79 28.36 5.01
C SER A 170 52.66 27.52 5.94
N GLY A 171 52.08 27.01 7.03
CA GLY A 171 52.76 26.12 7.95
C GLY A 171 53.03 26.73 9.31
N ALA A 172 53.21 28.06 9.37
CA ALA A 172 53.59 28.69 10.63
C ALA A 172 52.59 28.41 11.73
N LEU A 173 51.32 28.19 11.39
CA LEU A 173 50.27 27.96 12.38
C LEU A 173 49.87 26.50 12.36
N THR A 174 50.12 25.81 13.48
CA THR A 174 49.84 24.39 13.58
C THR A 174 49.19 23.98 14.89
N SER A 175 49.39 24.71 15.98
CA SER A 175 48.81 24.33 17.27
C SER A 175 47.30 24.62 17.25
N GLY A 176 46.52 23.60 17.61
CA GLY A 176 45.08 23.75 17.70
C GLY A 176 44.32 23.44 16.43
N VAL A 177 45.03 23.12 15.35
CA VAL A 177 44.41 22.84 14.07
C VAL A 177 43.70 21.49 14.11
N HIS A 178 42.54 21.42 13.49
CA HIS A 178 41.84 20.16 13.24
C HIS A 178 41.35 20.21 11.79
N THR A 179 41.89 19.34 10.93
CA THR A 179 41.36 19.17 9.57
C THR A 179 40.61 17.83 9.52
N PHE A 180 39.33 17.85 9.09
CA PHE A 180 38.45 16.70 9.34
C PHE A 180 38.38 15.78 8.13
N PRO A 181 37.94 14.53 8.32
CA PRO A 181 37.79 13.64 7.18
C PRO A 181 36.76 14.16 6.20
N ALA A 182 37.08 14.09 4.92
CA ALA A 182 36.13 14.52 3.91
C ALA A 182 34.87 13.65 3.98
N VAL A 183 33.76 14.23 3.56
CA VAL A 183 32.47 13.55 3.45
C VAL A 183 32.00 13.64 2.01
N LEU A 184 31.46 12.54 1.49
CA LEU A 184 30.91 12.51 0.14
C LEU A 184 29.44 12.88 0.18
N GLN A 185 29.06 13.93 -0.55
CA GLN A 185 27.70 14.45 -0.57
C GLN A 185 26.83 13.69 -1.58
N SER A 186 25.52 13.88 -1.44
CA SER A 186 24.57 13.31 -2.40
C SER A 186 24.82 13.84 -3.82
N SER A 187 25.56 14.94 -3.95
CA SER A 187 25.94 15.49 -5.25
C SER A 187 27.01 14.65 -5.93
N GLY A 188 27.58 13.67 -5.24
CA GLY A 188 28.74 12.96 -5.74
C GLY A 188 30.02 13.74 -5.64
N LEU A 189 30.01 14.88 -4.95
CA LEU A 189 31.16 15.74 -4.76
C LEU A 189 31.55 15.77 -3.29
N TYR A 190 32.84 15.93 -3.04
CA TYR A 190 33.37 15.89 -1.68
C TYR A 190 33.35 17.27 -1.03
N SER A 191 33.19 17.27 0.29
CA SER A 191 33.24 18.49 1.07
C SER A 191 33.99 18.22 2.37
N LEU A 192 34.84 19.18 2.75
CA LEU A 192 35.74 19.02 3.89
C LEU A 192 35.87 20.34 4.62
N SER A 193 36.28 20.25 5.88
CA SER A 193 36.43 21.41 6.75
C SER A 193 37.78 21.33 7.47
N SER A 194 38.35 22.49 7.73
CA SER A 194 39.59 22.61 8.49
C SER A 194 39.46 23.83 9.40
N VAL A 195 39.46 23.60 10.71
CA VAL A 195 39.26 24.67 11.68
C VAL A 195 40.48 24.75 12.57
N VAL A 196 40.56 25.84 13.32
CA VAL A 196 41.66 26.03 14.25
C VAL A 196 41.17 26.80 15.47
N THR A 197 41.64 26.34 16.63
CA THR A 197 41.35 26.92 17.93
C THR A 197 42.30 28.11 18.15
N VAL A 198 41.77 29.27 18.54
CA VAL A 198 42.61 30.47 18.71
C VAL A 198 42.05 31.36 19.79
N PRO A 199 42.92 32.11 20.47
CA PRO A 199 42.44 33.00 21.55
C PRO A 199 41.50 34.08 21.04
N SER A 200 40.54 34.45 21.90
CA SER A 200 39.50 35.41 21.51
C SER A 200 40.09 36.78 21.20
N SER A 201 41.09 37.22 21.97
CA SER A 201 41.72 38.50 21.68
C SER A 201 42.35 38.51 20.28
N SER A 202 43.09 37.45 19.94
CA SER A 202 43.81 37.42 18.67
C SER A 202 42.88 37.51 17.48
N LEU A 203 41.66 36.96 17.58
CA LEU A 203 40.68 37.08 16.51
C LEU A 203 40.41 38.55 16.21
N GLY A 204 40.71 38.95 14.99
CA GLY A 204 40.59 40.35 14.61
C GLY A 204 41.89 41.12 14.62
N THR A 205 43.01 40.48 14.98
CA THR A 205 44.29 41.19 15.05
C THR A 205 45.38 40.42 14.34
N GLN A 206 45.27 39.09 14.28
CA GLN A 206 46.23 38.26 13.57
C GLN A 206 45.67 37.84 12.21
N THR A 207 46.59 37.67 11.27
CA THR A 207 46.27 37.21 9.92
C THR A 207 46.27 35.68 9.88
N TYR A 208 45.10 35.11 9.61
CA TYR A 208 44.94 33.66 9.45
C TYR A 208 44.52 33.38 8.01
N ILE A 209 45.22 32.46 7.36
CA ILE A 209 44.92 32.09 5.97
C ILE A 209 45.06 30.58 5.84
N CYS A 210 44.05 29.94 5.25
CA CYS A 210 44.16 28.53 4.89
C CYS A 210 44.76 28.37 3.51
N ASN A 211 45.64 27.39 3.38
CA ASN A 211 46.34 27.09 2.13
C ASN A 211 45.84 25.74 1.62
N VAL A 212 45.02 25.76 0.56
CA VAL A 212 44.42 24.56 0.02
C VAL A 212 45.12 24.18 -1.28
N ASN A 213 45.28 22.87 -1.50
CA ASN A 213 45.89 22.35 -2.72
C ASN A 213 45.14 21.08 -3.13
N HIS A 214 44.29 21.21 -4.14
CA HIS A 214 43.64 20.06 -4.77
C HIS A 214 44.46 19.70 -6.00
N LYS A 215 45.44 18.82 -5.81
CA LYS A 215 46.33 18.47 -6.91
C LYS A 215 45.61 17.83 -8.07
N PRO A 216 44.58 16.99 -7.88
CA PRO A 216 43.90 16.37 -9.03
C PRO A 216 43.40 17.39 -10.03
N SER A 217 43.02 18.58 -9.58
CA SER A 217 42.48 19.63 -10.43
C SER A 217 43.45 20.77 -10.68
N ASN A 218 44.66 20.69 -10.12
CA ASN A 218 45.66 21.74 -10.27
C ASN A 218 45.22 23.02 -9.57
N THR A 219 44.38 22.90 -8.56
CA THR A 219 43.82 24.05 -7.85
C THR A 219 44.68 24.34 -6.62
N LYS A 220 45.23 25.53 -6.56
CA LYS A 220 45.89 26.02 -5.36
C LYS A 220 45.30 27.35 -4.97
N VAL A 221 44.98 27.50 -3.69
CA VAL A 221 44.22 28.65 -3.24
C VAL A 221 44.63 29.00 -1.81
N ASP A 222 44.62 30.30 -1.52
CA ASP A 222 44.79 30.83 -0.18
C ASP A 222 43.62 31.77 0.10
N LYS A 223 43.04 31.66 1.28
CA LYS A 223 41.89 32.47 1.65
C LYS A 223 42.10 33.02 3.05
N LYS A 224 41.96 34.33 3.19
CA LYS A 224 42.05 34.99 4.49
C LYS A 224 40.70 34.90 5.19
N VAL A 225 40.72 34.44 6.43
CA VAL A 225 39.54 34.32 7.27
C VAL A 225 39.49 35.54 8.18
N GLU A 226 38.33 36.20 8.24
CA GLU A 226 38.18 37.37 9.07
C GLU A 226 36.76 37.44 9.64
N PRO A 227 36.61 37.73 10.93
CA PRO A 227 35.25 37.99 11.47
C PRO A 227 34.75 39.35 11.02
N LYS A 228 33.44 39.43 10.74
CA LYS A 228 32.81 40.64 10.27
C LYS A 228 32.01 41.30 11.39
N SER A 229 31.76 42.60 11.22
CA SER A 229 31.00 43.39 12.18
C SER A 229 30.01 44.32 11.49
N GLN B 1 21.36 -15.71 7.28
CA GLN B 1 22.81 -15.64 7.44
C GLN B 1 23.19 -15.75 8.91
N VAL B 2 24.42 -16.17 9.17
CA VAL B 2 24.90 -16.24 10.55
C VAL B 2 25.28 -14.83 11.00
N VAL B 3 24.49 -14.28 11.95
CA VAL B 3 24.78 -13.02 12.63
C VAL B 3 25.84 -13.22 13.71
N MET B 4 26.75 -12.24 13.80
CA MET B 4 27.85 -12.19 14.76
C MET B 4 27.77 -10.86 15.52
N THR B 5 27.60 -10.93 16.87
CA THR B 5 27.41 -9.73 17.67
C THR B 5 28.65 -9.48 18.53
N GLN B 6 29.27 -8.31 18.38
CA GLN B 6 30.45 -8.02 19.17
C GLN B 6 30.13 -7.12 20.36
N SER B 7 30.93 -7.24 21.40
CA SER B 7 30.75 -6.38 22.57
C SER B 7 32.08 -6.21 23.29
N PRO B 8 32.35 -5.02 23.85
CA PRO B 8 31.51 -3.84 23.65
C PRO B 8 31.73 -3.19 22.27
N ALA B 9 30.89 -2.20 21.93
CA ALA B 9 31.12 -1.43 20.72
C ALA B 9 32.39 -0.60 20.84
N THR B 10 32.61 0.06 21.98
CA THR B 10 33.86 0.74 22.26
C THR B 10 34.50 0.12 23.50
N LEU B 11 35.81 0.31 23.60
CA LEU B 11 36.57 -0.24 24.72
C LEU B 11 37.77 0.69 24.97
N SER B 12 37.68 1.53 26.00
CA SER B 12 38.76 2.43 26.35
C SER B 12 39.70 1.80 27.38
N LEU B 13 41.00 1.94 27.15
CA LEU B 13 42.01 1.37 28.04
C LEU B 13 43.29 2.17 27.93
N SER B 14 44.13 2.07 28.96
CA SER B 14 45.46 2.65 28.86
C SER B 14 46.50 1.54 28.71
N PRO B 15 47.70 1.89 28.23
CA PRO B 15 48.71 0.87 27.95
C PRO B 15 49.04 0.05 29.18
N GLY B 16 49.04 -1.26 29.03
CA GLY B 16 49.29 -2.14 30.15
C GLY B 16 48.06 -2.91 30.58
N GLU B 17 46.90 -2.27 30.63
CA GLU B 17 45.69 -2.98 31.00
C GLU B 17 45.41 -4.12 30.03
N THR B 18 44.59 -5.07 30.46
CA THR B 18 44.16 -6.17 29.61
C THR B 18 42.76 -5.92 29.05
N ALA B 19 42.55 -6.35 27.82
CA ALA B 19 41.30 -6.12 27.09
C ALA B 19 40.69 -7.46 26.70
N ALA B 20 39.38 -7.43 26.46
CA ALA B 20 38.68 -8.66 26.09
C ALA B 20 37.51 -8.29 25.21
N VAL B 21 37.64 -8.56 23.92
CA VAL B 21 36.53 -8.46 22.97
C VAL B 21 35.88 -9.83 22.88
N SER B 22 34.55 -9.85 22.93
CA SER B 22 33.80 -11.08 22.77
C SER B 22 32.87 -10.98 21.58
N CYS B 23 32.74 -12.09 20.85
CA CYS B 23 31.93 -12.17 19.63
C CYS B 23 30.93 -13.30 19.80
N ARG B 24 29.65 -12.97 19.78
CA ARG B 24 28.61 -13.99 19.89
C ARG B 24 28.09 -14.35 18.51
N ALA B 25 27.79 -15.64 18.31
CA ALA B 25 27.30 -16.13 17.03
C ALA B 25 25.84 -16.53 17.14
N SER B 26 25.08 -16.30 16.07
CA SER B 26 23.66 -16.62 16.11
C SER B 26 23.42 -18.12 16.12
N GLN B 27 24.43 -18.93 15.84
CA GLN B 27 24.29 -20.39 15.89
C GLN B 27 25.66 -21.03 15.99
N TYR B 28 25.64 -22.31 16.35
CA TYR B 28 26.86 -23.08 16.55
C TYR B 28 27.76 -23.01 15.32
N VAL B 29 29.07 -22.99 15.56
CA VAL B 29 30.05 -22.89 14.48
C VAL B 29 31.40 -23.52 14.82
N ASP B 30 31.41 -24.77 15.33
CA ASP B 30 32.64 -25.45 15.72
C ASP B 30 33.63 -24.37 16.17
N ARG B 31 34.71 -24.20 15.44
CA ARG B 31 35.73 -23.23 15.83
C ARG B 31 36.22 -22.47 14.59
N SER B 32 35.27 -22.10 13.72
CA SER B 32 35.58 -21.41 12.46
C SER B 32 35.48 -19.89 12.62
N ILE B 33 36.28 -19.37 13.55
CA ILE B 33 36.24 -17.97 13.93
C ILE B 33 37.62 -17.37 13.76
N SER B 34 37.66 -16.15 13.22
CA SER B 34 38.91 -15.44 13.01
C SER B 34 38.81 -14.04 13.60
N TRP B 35 39.95 -13.44 13.87
CA TRP B 35 40.01 -12.09 14.38
C TRP B 35 40.96 -11.26 13.52
N TYR B 36 40.55 -10.01 13.23
CA TYR B 36 41.30 -9.10 12.40
C TYR B 36 41.50 -7.76 13.10
N GLN B 37 42.72 -7.23 13.02
CA GLN B 37 43.03 -5.87 13.45
C GLN B 37 42.94 -4.95 12.25
N LEU B 38 42.36 -3.77 12.44
CA LEU B 38 42.12 -2.85 11.32
C LEU B 38 42.52 -1.43 11.71
N LYS B 39 43.39 -0.82 10.92
CA LYS B 39 43.84 0.54 11.15
C LYS B 39 43.52 1.40 9.94
N THR B 40 43.41 2.72 10.16
CA THR B 40 42.99 3.60 9.06
C THR B 40 43.97 3.51 7.91
N GLY B 41 43.42 3.45 6.69
CA GLY B 41 44.24 3.44 5.49
C GLY B 41 45.21 2.29 5.43
N ARG B 42 44.85 1.13 5.98
CA ARG B 42 45.69 -0.04 5.98
C ARG B 42 44.83 -1.29 5.81
N ALA B 43 45.44 -2.36 5.32
CA ALA B 43 44.69 -3.59 5.09
C ALA B 43 44.41 -4.31 6.40
N PRO B 44 43.35 -5.11 6.46
CA PRO B 44 43.07 -5.88 7.68
C PRO B 44 44.20 -6.85 7.99
N ARG B 45 44.52 -6.95 9.28
CA ARG B 45 45.58 -7.83 9.76
C ARG B 45 44.95 -8.99 10.52
N LEU B 46 45.28 -10.22 10.13
CA LEU B 46 44.77 -11.40 10.81
C LEU B 46 45.53 -11.61 12.12
N LEU B 47 44.79 -11.65 13.24
CA LEU B 47 45.39 -11.95 14.53
C LEU B 47 45.24 -13.43 14.89
N VAL B 48 44.03 -13.97 14.77
CA VAL B 48 43.72 -15.33 15.17
C VAL B 48 42.89 -15.99 14.09
N TYR B 49 43.16 -17.28 13.86
CA TYR B 49 42.35 -18.08 12.97
C TYR B 49 42.01 -19.39 13.69
N ALA B 50 40.95 -20.05 13.20
CA ALA B 50 40.41 -21.24 13.85
C ALA B 50 40.11 -21.00 15.33
N ALA B 51 39.61 -19.80 15.65
CA ALA B 51 39.18 -19.49 17.01
C ALA B 51 40.33 -19.30 18.01
N SER B 52 41.44 -20.07 17.89
CA SER B 52 42.51 -20.00 18.89
C SER B 52 43.93 -19.96 18.35
N SER B 53 44.16 -20.20 17.06
CA SER B 53 45.51 -20.22 16.50
C SER B 53 46.02 -18.81 16.25
N ARG B 54 47.07 -18.44 16.96
CA ARG B 54 47.74 -17.17 16.71
C ARG B 54 48.49 -17.22 15.38
N SER B 55 48.29 -16.22 14.55
CA SER B 55 48.97 -16.21 13.27
C SER B 55 50.43 -15.79 13.43
N ILE B 56 51.24 -16.11 12.41
CA ILE B 56 52.65 -15.75 12.49
C ILE B 56 52.79 -14.24 12.46
N GLY B 57 53.83 -13.72 13.14
CA GLY B 57 54.07 -12.30 13.23
C GLY B 57 53.26 -11.57 14.28
N VAL B 58 52.29 -12.25 14.88
CA VAL B 58 51.41 -11.61 15.86
C VAL B 58 52.00 -11.82 17.26
N PRO B 59 52.04 -10.79 18.09
CA PRO B 59 52.69 -10.92 19.40
C PRO B 59 51.98 -11.91 20.31
N ASP B 60 52.75 -12.51 21.21
CA ASP B 60 52.18 -13.48 22.12
C ASP B 60 51.13 -12.88 23.05
N ARG B 61 51.03 -11.55 23.15
CA ARG B 61 50.00 -10.96 24.02
C ARG B 61 48.60 -11.09 23.43
N PHE B 62 48.48 -11.37 22.13
CA PHE B 62 47.19 -11.66 21.52
C PHE B 62 46.83 -13.14 21.71
N SER B 63 45.56 -13.41 22.00
CA SER B 63 45.12 -14.76 22.28
C SER B 63 43.62 -14.86 22.03
N GLY B 64 43.18 -15.99 21.46
CA GLY B 64 41.76 -16.18 21.20
C GLY B 64 41.18 -17.43 21.84
N SER B 65 40.07 -17.27 22.57
CA SER B 65 39.40 -18.35 23.26
C SER B 65 38.02 -18.59 22.63
N GLY B 66 37.25 -19.47 23.23
CA GLY B 66 35.87 -19.66 22.83
C GLY B 66 35.66 -20.89 21.97
N SER B 67 34.39 -21.23 21.80
CA SER B 67 34.01 -22.38 21.02
C SER B 67 32.51 -22.57 21.05
N GLY B 68 31.91 -22.82 19.89
CA GLY B 68 30.48 -23.05 19.79
C GLY B 68 29.79 -21.79 19.35
N ARG B 69 29.54 -20.89 20.30
CA ARG B 69 28.85 -19.65 19.99
C ARG B 69 29.37 -18.47 20.80
N ASP B 70 30.39 -18.65 21.63
CA ASP B 70 30.94 -17.58 22.45
C ASP B 70 32.46 -17.64 22.29
N PHE B 71 33.02 -16.64 21.62
CA PHE B 71 34.44 -16.56 21.36
C PHE B 71 34.99 -15.24 21.88
N THR B 72 36.28 -15.23 22.20
CA THR B 72 36.89 -14.07 22.81
C THR B 72 38.29 -13.81 22.27
N LEU B 73 38.62 -12.54 22.15
CA LEU B 73 39.95 -12.08 21.81
C LEU B 73 40.52 -11.35 23.01
N THR B 74 41.71 -11.72 23.44
CA THR B 74 42.31 -11.14 24.63
C THR B 74 43.64 -10.51 24.27
N ILE B 75 43.93 -9.36 24.87
CA ILE B 75 45.22 -8.69 24.74
C ILE B 75 45.70 -8.41 26.16
N ARG B 76 46.70 -9.16 26.62
CA ARG B 76 47.14 -8.96 27.99
C ARG B 76 47.86 -7.62 28.12
N GLY B 77 49.12 -7.56 27.74
CA GLY B 77 49.77 -6.27 27.88
C GLY B 77 49.45 -5.30 26.75
N VAL B 78 48.35 -4.55 26.85
CA VAL B 78 47.99 -3.64 25.75
C VAL B 78 49.11 -2.63 25.51
N GLN B 79 49.35 -2.31 24.24
CA GLN B 79 50.39 -1.37 23.85
C GLN B 79 49.85 -0.40 22.82
N SER B 80 50.53 0.74 22.69
CA SER B 80 50.05 1.80 21.80
C SER B 80 49.72 1.26 20.41
N ASP B 81 50.56 0.38 19.89
CA ASP B 81 50.33 -0.16 18.56
C ASP B 81 49.03 -0.95 18.45
N ASP B 82 48.36 -1.24 19.58
CA ASP B 82 47.17 -2.08 19.57
C ASP B 82 45.89 -1.27 19.57
N PHE B 83 45.97 0.06 19.52
CA PHE B 83 44.78 0.89 19.48
C PHE B 83 44.25 0.89 18.05
N ALA B 84 43.06 0.36 17.86
CA ALA B 84 42.53 0.23 16.51
C ALA B 84 41.20 -0.48 16.54
N LEU B 85 40.65 -0.82 15.38
CA LEU B 85 39.41 -1.58 15.31
C LEU B 85 39.71 -3.07 15.19
N TYR B 86 38.84 -3.89 15.78
CA TYR B 86 38.95 -5.35 15.77
C TYR B 86 37.63 -5.97 15.36
N TYR B 87 37.68 -6.93 14.43
CA TYR B 87 36.51 -7.59 13.87
C TYR B 87 36.62 -9.10 14.00
N CYS B 88 35.49 -9.77 14.25
CA CYS B 88 35.45 -11.23 14.23
C CYS B 88 34.81 -11.71 12.94
N GLN B 89 35.18 -12.92 12.55
CA GLN B 89 34.81 -13.45 11.25
C GLN B 89 34.48 -14.92 11.37
N GLN B 90 33.35 -15.31 10.81
CA GLN B 90 32.90 -16.68 10.82
C GLN B 90 32.94 -17.25 9.41
N ASP B 91 33.41 -18.49 9.28
CA ASP B 91 33.39 -19.18 8.01
C ASP B 91 32.82 -20.59 8.13
N TYR B 92 32.03 -20.87 9.17
CA TYR B 92 31.41 -22.19 9.26
C TYR B 92 30.37 -22.38 8.16
N TYR B 93 29.60 -21.33 7.86
CA TYR B 93 28.61 -21.34 6.80
C TYR B 93 28.94 -20.26 5.79
N TRP B 94 28.71 -20.57 4.53
CA TRP B 94 28.69 -19.46 3.59
C TRP B 94 27.34 -18.76 3.66
N PRO B 95 27.31 -17.44 3.55
CA PRO B 95 28.50 -16.63 3.27
C PRO B 95 29.24 -16.25 4.54
N VAL B 96 30.53 -16.00 4.39
CA VAL B 96 31.33 -15.43 5.47
C VAL B 96 30.56 -14.26 6.08
N THR B 97 30.70 -14.06 7.39
CA THR B 97 30.11 -12.89 8.01
C THR B 97 31.04 -12.37 9.10
N PHE B 98 30.97 -11.07 9.34
CA PHE B 98 31.81 -10.41 10.32
C PHE B 98 30.95 -9.80 11.43
N GLY B 99 31.62 -9.36 12.49
CA GLY B 99 30.95 -8.59 13.51
C GLY B 99 30.97 -7.12 13.19
N GLN B 100 30.19 -6.35 13.96
CA GLN B 100 30.11 -4.90 13.75
C GLN B 100 31.45 -4.21 14.00
N GLY B 101 32.37 -4.85 14.73
CA GLY B 101 33.65 -4.26 15.01
C GLY B 101 33.73 -3.56 16.36
N THR B 102 34.88 -3.68 17.03
CA THR B 102 35.11 -3.04 18.32
C THR B 102 36.23 -2.01 18.16
N ARG B 103 36.02 -0.85 18.75
CA ARG B 103 37.01 0.21 18.74
C ARG B 103 37.76 0.16 20.06
N LEU B 104 39.07 0.02 19.98
CA LEU B 104 39.95 0.01 21.14
C LEU B 104 40.58 1.39 21.27
N ASP B 105 40.10 2.15 22.26
CA ASP B 105 40.47 3.54 22.48
C ASP B 105 41.66 3.64 23.43
N MET B 106 42.00 4.86 23.82
CA MET B 106 42.99 5.14 24.84
C MET B 106 42.30 5.96 25.92
N LYS B 107 42.15 5.40 27.13
CA LYS B 107 41.35 6.05 28.15
C LYS B 107 42.03 7.32 28.67
N ARG B 108 41.21 8.26 29.10
CA ARG B 108 41.65 9.51 29.74
C ARG B 108 40.48 10.08 30.53
N THR B 109 40.74 11.17 31.26
CA THR B 109 39.65 11.83 31.97
C THR B 109 38.57 12.26 30.98
N VAL B 110 37.31 12.17 31.41
CA VAL B 110 36.24 12.74 30.63
C VAL B 110 36.53 14.22 30.39
N ALA B 111 36.28 14.68 29.16
CA ALA B 111 36.52 16.05 28.77
C ALA B 111 35.39 16.47 27.85
N ALA B 112 34.63 17.49 28.26
CA ALA B 112 33.52 17.99 27.47
C ALA B 112 34.05 18.80 26.30
N PRO B 113 33.28 18.92 25.22
CA PRO B 113 33.76 19.65 24.04
C PRO B 113 33.50 21.15 24.15
N SER B 114 34.33 21.90 23.44
CA SER B 114 34.11 23.31 23.17
C SER B 114 33.29 23.39 21.89
N VAL B 115 32.10 23.97 21.97
CA VAL B 115 31.17 23.96 20.84
C VAL B 115 31.19 25.33 20.16
N PHE B 116 31.39 25.32 18.84
CA PHE B 116 31.33 26.52 18.03
C PHE B 116 30.40 26.30 16.83
N ILE B 117 29.67 27.35 16.46
CA ILE B 117 28.79 27.33 15.29
C ILE B 117 29.28 28.38 14.31
N PHE B 118 29.22 28.07 13.01
CA PHE B 118 29.64 29.01 11.98
C PHE B 118 28.53 29.20 10.96
N PRO B 119 28.14 30.44 10.67
CA PRO B 119 27.07 30.67 9.68
C PRO B 119 27.61 30.65 8.25
N PRO B 120 26.73 30.59 7.25
CA PRO B 120 27.21 30.62 5.86
C PRO B 120 27.83 31.96 5.51
N SER B 121 28.89 31.91 4.73
CA SER B 121 29.69 33.10 4.46
C SER B 121 29.13 33.91 3.29
N ASP B 122 29.51 35.18 3.25
CA ASP B 122 29.25 36.06 2.12
C ASP B 122 29.33 35.32 0.79
N GLU B 123 30.53 34.81 0.48
CA GLU B 123 30.81 34.29 -0.85
C GLU B 123 29.88 33.12 -1.20
N GLN B 124 29.56 32.26 -0.24
CA GLN B 124 28.83 31.04 -0.57
C GLN B 124 27.35 31.31 -0.84
N LEU B 125 26.79 32.35 -0.24
CA LEU B 125 25.39 32.68 -0.47
C LEU B 125 25.18 33.38 -1.80
N LYS B 126 26.24 33.91 -2.41
CA LYS B 126 26.11 34.39 -3.78
C LYS B 126 26.25 33.26 -4.79
N SER B 127 26.74 32.09 -4.38
CA SER B 127 26.85 30.94 -5.26
C SER B 127 25.61 30.07 -5.27
N GLY B 128 24.79 30.13 -4.22
CA GLY B 128 23.49 29.48 -4.26
C GLY B 128 23.24 28.43 -3.21
N THR B 129 24.15 28.29 -2.25
CA THR B 129 24.04 27.27 -1.22
C THR B 129 24.31 27.88 0.15
N ALA B 130 23.71 27.28 1.17
CA ALA B 130 23.93 27.66 2.56
C ALA B 130 24.52 26.47 3.28
N SER B 131 25.67 26.68 3.91
CA SER B 131 26.32 25.64 4.69
C SER B 131 26.57 26.17 6.09
N VAL B 132 25.81 25.67 7.05
CA VAL B 132 26.05 25.93 8.46
C VAL B 132 26.93 24.82 9.00
N VAL B 133 28.00 25.20 9.71
CA VAL B 133 29.02 24.27 10.19
C VAL B 133 29.09 24.35 11.70
N CYS B 134 29.10 23.19 12.37
CA CYS B 134 29.16 23.13 13.82
C CYS B 134 30.36 22.30 14.25
N LEU B 135 31.18 22.87 15.13
CA LEU B 135 32.43 22.27 15.55
C LEU B 135 32.37 21.86 17.01
N LEU B 136 32.76 20.62 17.29
CA LEU B 136 32.87 20.09 18.63
C LEU B 136 34.35 19.76 18.84
N ASN B 137 35.03 20.57 19.62
CA ASN B 137 36.49 20.55 19.64
C ASN B 137 37.05 19.89 20.90
N ASN B 138 38.00 18.97 20.68
CA ASN B 138 38.88 18.40 21.71
C ASN B 138 38.07 17.87 22.89
N PHE B 139 37.45 16.71 22.67
CA PHE B 139 36.56 16.11 23.65
C PHE B 139 36.83 14.62 23.77
N TYR B 140 36.26 14.04 24.83
CA TYR B 140 36.39 12.62 25.14
C TYR B 140 35.38 12.27 26.23
N PRO B 141 34.72 11.10 26.17
CA PRO B 141 34.85 10.00 25.20
C PRO B 141 34.30 10.30 23.82
N ARG B 142 34.59 9.40 22.87
CA ARG B 142 34.31 9.65 21.45
C ARG B 142 32.82 9.76 21.17
N GLU B 143 32.00 9.03 21.93
CA GLU B 143 30.56 9.07 21.67
C GLU B 143 30.03 10.47 21.93
N ALA B 144 29.45 11.06 20.88
CA ALA B 144 28.85 12.39 20.98
C ALA B 144 27.76 12.50 19.94
N LYS B 145 26.75 13.32 20.23
CA LYS B 145 25.59 13.46 19.37
C LYS B 145 25.34 14.95 19.12
N VAL B 146 24.91 15.25 17.91
CA VAL B 146 24.62 16.62 17.47
C VAL B 146 23.24 16.62 16.83
N GLN B 147 22.40 17.54 17.25
CA GLN B 147 21.11 17.75 16.63
C GLN B 147 21.07 19.17 16.10
N TRP B 148 20.41 19.34 14.96
CA TRP B 148 20.27 20.64 14.35
C TRP B 148 18.82 21.10 14.44
N LYS B 149 18.63 22.38 14.77
CA LYS B 149 17.31 22.97 14.92
C LYS B 149 17.29 24.32 14.21
N VAL B 150 16.26 24.54 13.40
CA VAL B 150 16.04 25.82 12.73
C VAL B 150 14.61 26.27 13.02
N ASP B 151 14.46 27.47 13.58
CA ASP B 151 13.19 27.90 14.18
C ASP B 151 12.73 26.89 15.23
N ASN B 152 13.72 26.16 15.77
CA ASN B 152 13.54 25.06 16.71
C ASN B 152 12.91 23.83 16.07
N ALA B 153 12.80 23.80 14.75
CA ALA B 153 12.31 22.62 14.06
C ALA B 153 13.46 21.64 13.90
N LEU B 154 13.27 20.42 14.40
CA LEU B 154 14.36 19.44 14.38
C LEU B 154 14.69 19.05 12.94
N GLN B 155 15.93 19.29 12.52
CA GLN B 155 16.35 18.94 11.18
C GLN B 155 16.74 17.47 11.11
N SER B 156 16.48 16.85 9.96
CA SER B 156 16.81 15.47 9.75
C SER B 156 17.15 15.23 8.29
N GLY B 157 18.10 14.33 8.06
CA GLY B 157 18.46 13.92 6.73
C GLY B 157 19.31 14.89 5.95
N ASN B 158 19.38 16.15 6.38
CA ASN B 158 20.12 17.17 5.64
C ASN B 158 21.43 17.56 6.32
N SER B 159 22.07 16.61 7.01
CA SER B 159 23.27 16.91 7.77
C SER B 159 24.29 15.81 7.55
N GLN B 160 25.56 16.20 7.67
CA GLN B 160 26.69 15.29 7.57
C GLN B 160 27.72 15.69 8.61
N GLU B 161 28.40 14.70 9.17
CA GLU B 161 29.45 15.00 10.13
C GLU B 161 30.66 14.11 9.89
N SER B 162 31.76 14.52 10.52
CA SER B 162 33.04 13.85 10.39
C SER B 162 33.73 13.89 11.74
N VAL B 163 34.52 12.85 12.01
CA VAL B 163 35.25 12.74 13.27
C VAL B 163 36.72 12.46 12.98
N THR B 164 37.61 13.05 13.77
CA THR B 164 39.04 12.93 13.57
C THR B 164 39.59 11.74 14.34
N GLU B 165 40.80 11.34 13.96
CA GLU B 165 41.51 10.33 14.73
C GLU B 165 41.68 10.79 16.17
N GLN B 166 41.71 9.84 17.09
CA GLN B 166 42.06 10.17 18.46
C GLN B 166 43.44 10.82 18.54
N ASP B 167 43.49 12.11 18.89
CA ASP B 167 44.75 12.84 18.97
C ASP B 167 45.73 12.07 19.86
N SER B 168 47.01 12.13 19.50
CA SER B 168 48.06 11.36 20.15
C SER B 168 48.75 12.11 21.27
N LYS B 169 48.20 13.24 21.69
CA LYS B 169 48.80 14.02 22.76
C LYS B 169 47.80 14.42 23.84
N ASP B 170 46.58 14.84 23.48
CA ASP B 170 45.50 15.00 24.43
C ASP B 170 44.60 13.77 24.51
N SER B 171 44.72 12.85 23.56
CA SER B 171 43.85 11.69 23.45
C SER B 171 42.39 12.10 23.36
N THR B 172 42.14 13.20 22.65
CA THR B 172 40.77 13.70 22.49
C THR B 172 40.31 13.51 21.05
N TYR B 173 39.04 13.78 20.83
CA TYR B 173 38.46 13.79 19.50
C TYR B 173 37.95 15.18 19.19
N SER B 174 37.61 15.38 17.91
CA SER B 174 36.91 16.58 17.47
C SER B 174 35.94 16.16 16.36
N LEU B 175 34.82 16.86 16.28
CA LEU B 175 33.73 16.52 15.39
C LEU B 175 33.31 17.76 14.62
N SER B 176 33.09 17.61 13.31
CA SER B 176 32.58 18.67 12.47
C SER B 176 31.27 18.19 11.86
N SER B 177 30.23 19.02 11.95
CA SER B 177 28.93 18.73 11.35
C SER B 177 28.53 19.85 10.42
N THR B 178 28.07 19.48 9.23
CA THR B 178 27.70 20.45 8.20
C THR B 178 26.23 20.24 7.84
N LEU B 179 25.42 21.28 8.09
CA LEU B 179 24.02 21.33 7.68
C LEU B 179 23.97 22.12 6.38
N THR B 180 23.59 21.46 5.29
CA THR B 180 23.53 22.07 3.98
C THR B 180 22.07 22.31 3.62
N LEU B 181 21.78 23.49 3.06
CA LEU B 181 20.41 23.85 2.71
C LEU B 181 20.42 24.59 1.38
N SER B 182 19.23 24.91 0.87
CA SER B 182 19.14 25.82 -0.27
C SER B 182 19.28 27.25 0.23
N LYS B 183 19.81 28.13 -0.61
CA LYS B 183 19.75 29.55 -0.26
C LYS B 183 18.31 29.99 -0.06
N ALA B 184 17.37 29.40 -0.80
CA ALA B 184 15.97 29.76 -0.66
C ALA B 184 15.45 29.42 0.73
N ASP B 185 15.71 28.19 1.19
CA ASP B 185 15.23 27.78 2.51
C ASP B 185 16.04 28.42 3.63
N TYR B 186 17.30 28.78 3.37
CA TYR B 186 18.10 29.44 4.40
C TYR B 186 17.52 30.81 4.72
N GLU B 187 17.13 31.57 3.70
CA GLU B 187 16.49 32.87 3.85
C GLU B 187 15.06 32.76 4.35
N LYS B 188 14.56 31.55 4.61
CA LYS B 188 13.19 31.40 5.08
C LYS B 188 13.10 31.57 6.59
N HIS B 189 14.10 31.10 7.32
CA HIS B 189 14.04 31.06 8.77
C HIS B 189 15.16 31.89 9.38
N LYS B 190 15.05 32.10 10.69
CA LYS B 190 15.89 33.06 11.39
C LYS B 190 16.93 32.39 12.27
N VAL B 191 16.51 31.55 13.21
CA VAL B 191 17.44 31.03 14.22
C VAL B 191 18.00 29.70 13.75
N TYR B 192 19.33 29.58 13.79
CA TYR B 192 20.05 28.35 13.46
C TYR B 192 20.84 27.92 14.69
N ALA B 193 20.56 26.70 15.18
CA ALA B 193 21.18 26.23 16.42
C ALA B 193 21.69 24.80 16.28
N CYS B 194 22.67 24.49 17.13
CA CYS B 194 23.41 23.24 17.10
C CYS B 194 23.43 22.69 18.52
N GLU B 195 22.49 21.79 18.83
CA GLU B 195 22.41 21.19 20.16
C GLU B 195 23.39 20.02 20.24
N VAL B 196 24.14 19.96 21.34
CA VAL B 196 25.20 18.96 21.51
C VAL B 196 24.98 18.22 22.83
N THR B 197 25.07 16.89 22.77
CA THR B 197 24.95 16.04 23.95
C THR B 197 26.22 15.21 24.12
N HIS B 198 26.70 15.12 25.37
CA HIS B 198 27.92 14.39 25.69
C HIS B 198 27.93 14.01 27.15
N GLN B 199 28.78 13.03 27.50
CA GLN B 199 28.85 12.55 28.87
C GLN B 199 29.41 13.60 29.82
N GLY B 200 30.32 14.45 29.34
CA GLY B 200 30.98 15.46 30.17
C GLY B 200 30.24 16.76 30.30
N LEU B 201 29.00 16.81 29.84
CA LEU B 201 28.17 18.01 29.89
C LEU B 201 27.00 17.78 30.82
N SER B 202 26.84 18.66 31.81
CA SER B 202 25.70 18.61 32.72
C SER B 202 24.38 18.40 31.99
N SER B 203 24.11 19.23 30.99
CA SER B 203 22.88 19.18 30.21
C SER B 203 23.19 19.56 28.80
N PRO B 204 22.24 19.45 27.88
CA PRO B 204 22.48 19.81 26.48
C PRO B 204 23.04 21.22 26.34
N VAL B 205 23.97 21.37 25.42
CA VAL B 205 24.57 22.67 25.11
C VAL B 205 24.03 23.12 23.75
N THR B 206 23.71 24.40 23.64
CA THR B 206 23.15 24.93 22.40
C THR B 206 23.89 26.19 21.99
N LYS B 207 24.52 26.13 20.82
CA LYS B 207 25.16 27.29 20.23
C LYS B 207 24.35 27.71 19.01
N SER B 208 24.04 29.00 18.90
CA SER B 208 23.22 29.46 17.79
C SER B 208 23.65 30.84 17.30
N PHE B 209 23.05 31.23 16.18
CA PHE B 209 23.12 32.60 15.67
C PHE B 209 21.75 32.96 15.09
N ASN B 210 21.46 34.27 15.06
CA ASN B 210 20.25 34.78 14.44
C ASN B 210 20.59 35.29 13.05
N ARG B 211 19.99 34.68 12.04
CA ARG B 211 20.26 35.05 10.66
C ARG B 211 19.97 36.52 10.43
N GLY B 212 21.01 37.35 10.35
CA GLY B 212 20.85 38.75 10.03
C GLY B 212 21.01 39.69 11.22
N GLU B 213 20.99 39.18 12.44
CA GLU B 213 21.22 40.04 13.60
C GLU B 213 22.68 40.45 13.65
N CYS B 214 22.92 41.77 13.71
CA CYS B 214 24.28 42.30 13.78
C CYS B 214 24.82 42.20 15.20
N GLN C 1 -13.83 -25.03 -15.57
CA GLN C 1 -14.93 -25.55 -14.75
C GLN C 1 -16.23 -25.50 -15.52
N VAL C 2 -17.31 -26.01 -14.92
CA VAL C 2 -18.63 -25.90 -15.53
C VAL C 2 -18.99 -24.43 -15.70
N GLN C 3 -19.49 -24.09 -16.89
CA GLN C 3 -19.85 -22.70 -17.18
C GLN C 3 -21.06 -22.67 -18.10
N LEU C 4 -22.02 -21.82 -17.77
CA LEU C 4 -23.15 -21.52 -18.64
C LEU C 4 -23.19 -20.02 -18.88
N ILE C 5 -23.24 -19.62 -20.14
CA ILE C 5 -23.30 -18.22 -20.55
C ILE C 5 -24.54 -18.03 -21.43
N GLN C 6 -25.41 -17.10 -21.02
CA GLN C 6 -26.69 -16.90 -21.69
C GLN C 6 -26.68 -15.68 -22.59
N SER C 7 -27.77 -15.53 -23.35
CA SER C 7 -27.98 -14.37 -24.20
C SER C 7 -27.87 -13.07 -23.39
N GLY C 8 -27.49 -12.00 -24.07
CA GLY C 8 -27.54 -10.68 -23.47
C GLY C 8 -28.97 -10.21 -23.28
N PRO C 9 -29.15 -9.11 -22.55
CA PRO C 9 -30.51 -8.59 -22.34
C PRO C 9 -31.18 -8.23 -23.67
N GLN C 10 -32.47 -8.55 -23.78
CA GLN C 10 -33.22 -8.31 -25.00
C GLN C 10 -34.48 -7.51 -24.69
N PHE C 11 -34.93 -6.73 -25.68
CA PHE C 11 -36.16 -5.95 -25.57
C PHE C 11 -37.08 -6.23 -26.75
N LYS C 12 -38.33 -6.60 -26.47
CA LYS C 12 -39.30 -6.93 -27.50
C LYS C 12 -40.65 -6.32 -27.15
N THR C 13 -41.42 -5.97 -28.17
CA THR C 13 -42.76 -5.46 -27.95
C THR C 13 -43.74 -6.61 -27.77
N PRO C 14 -44.95 -6.31 -27.30
CA PRO C 14 -45.93 -7.38 -27.04
C PRO C 14 -46.28 -8.14 -28.31
N GLY C 15 -46.55 -9.43 -28.15
CA GLY C 15 -46.93 -10.32 -29.22
C GLY C 15 -45.77 -11.01 -29.91
N ALA C 16 -44.59 -10.42 -29.85
CA ALA C 16 -43.41 -10.94 -30.53
C ALA C 16 -42.88 -12.17 -29.80
N SER C 17 -41.85 -12.77 -30.37
CA SER C 17 -41.20 -13.93 -29.77
C SER C 17 -39.76 -13.61 -29.46
N VAL C 18 -39.24 -14.24 -28.42
CA VAL C 18 -37.88 -14.04 -27.99
C VAL C 18 -37.21 -15.40 -27.82
N THR C 19 -35.91 -15.43 -28.11
CA THR C 19 -35.10 -16.63 -27.96
C THR C 19 -33.90 -16.28 -27.08
N VAL C 20 -33.81 -16.96 -25.95
CA VAL C 20 -32.65 -16.86 -25.07
C VAL C 20 -31.84 -18.14 -25.22
N SER C 21 -30.59 -17.98 -25.57
CA SER C 21 -29.68 -19.10 -25.78
C SER C 21 -28.72 -19.20 -24.59
N CYS C 22 -28.51 -20.43 -24.13
CA CYS C 22 -27.59 -20.73 -23.05
C CYS C 22 -26.53 -21.69 -23.60
N LYS C 23 -25.24 -21.34 -23.46
CA LYS C 23 -24.16 -22.18 -23.97
C LYS C 23 -23.43 -22.84 -22.80
N ALA C 24 -23.46 -24.18 -22.77
CA ALA C 24 -22.87 -24.95 -21.68
C ALA C 24 -21.46 -25.44 -22.04
N SER C 25 -20.64 -25.61 -21.02
CA SER C 25 -19.27 -26.07 -21.23
C SER C 25 -18.74 -26.70 -19.95
N GLY C 26 -17.58 -27.36 -20.07
CA GLY C 26 -16.93 -27.90 -18.91
C GLY C 26 -17.49 -29.19 -18.37
N TYR C 27 -18.33 -29.88 -19.13
CA TYR C 27 -18.85 -31.19 -18.69
C TYR C 27 -19.47 -31.89 -19.90
N ILE C 28 -19.82 -33.16 -19.71
CA ILE C 28 -20.40 -33.95 -20.79
C ILE C 28 -21.82 -33.45 -21.04
N PHE C 29 -22.01 -32.73 -22.14
CA PHE C 29 -23.26 -32.03 -22.37
C PHE C 29 -24.45 -32.99 -22.36
N THR C 30 -24.36 -34.10 -23.08
CA THR C 30 -25.53 -34.95 -23.22
C THR C 30 -25.80 -35.78 -21.98
N ASP C 31 -25.27 -35.36 -20.83
CA ASP C 31 -25.35 -36.16 -19.63
C ASP C 31 -26.20 -35.55 -18.53
N TYR C 32 -26.61 -34.28 -18.66
CA TYR C 32 -27.42 -33.63 -17.64
C TYR C 32 -28.55 -32.83 -18.28
N LEU C 33 -29.71 -32.78 -17.61
CA LEU C 33 -30.81 -31.97 -18.10
C LEU C 33 -30.56 -30.49 -17.79
N ILE C 34 -30.96 -29.63 -18.70
CA ILE C 34 -30.96 -28.18 -18.48
C ILE C 34 -32.36 -27.75 -18.12
N HIS C 35 -32.49 -26.97 -17.05
CA HIS C 35 -33.78 -26.41 -16.70
C HIS C 35 -33.79 -24.91 -16.99
N TRP C 36 -35.00 -24.36 -17.10
CA TRP C 36 -35.21 -22.93 -17.30
C TRP C 36 -36.07 -22.39 -16.16
N VAL C 37 -35.57 -21.38 -15.48
CA VAL C 37 -36.27 -20.71 -14.39
C VAL C 37 -36.35 -19.24 -14.72
N ARG C 38 -37.50 -18.65 -14.44
CA ARG C 38 -37.77 -17.24 -14.63
C ARG C 38 -37.81 -16.57 -13.26
N LEU C 39 -36.99 -15.54 -13.09
CA LEU C 39 -37.06 -14.67 -11.91
C LEU C 39 -37.71 -13.35 -12.31
N VAL C 40 -38.96 -13.15 -11.89
CA VAL C 40 -39.68 -11.91 -12.21
C VAL C 40 -39.55 -10.95 -11.03
N PRO C 41 -39.27 -9.65 -11.24
CA PRO C 41 -39.13 -8.73 -10.11
C PRO C 41 -40.43 -8.65 -9.32
N GLY C 42 -40.30 -8.46 -8.01
CA GLY C 42 -41.48 -8.35 -7.17
C GLY C 42 -42.34 -9.59 -7.08
N LYS C 43 -41.89 -10.71 -7.63
CA LYS C 43 -42.55 -12.00 -7.42
C LYS C 43 -41.45 -12.98 -7.01
N GLY C 44 -41.73 -14.27 -7.17
CA GLY C 44 -40.74 -15.28 -6.86
C GLY C 44 -40.04 -15.79 -8.10
N LEU C 45 -39.76 -17.09 -8.10
CA LEU C 45 -39.21 -17.79 -9.24
C LEU C 45 -40.30 -18.63 -9.88
N GLU C 46 -40.08 -18.98 -11.14
CA GLU C 46 -41.02 -19.80 -11.90
C GLU C 46 -40.24 -20.81 -12.72
N TRP C 47 -40.64 -22.07 -12.67
CA TRP C 47 -40.01 -23.11 -13.47
C TRP C 47 -40.71 -23.14 -14.82
N LEU C 48 -40.01 -22.78 -15.88
CA LEU C 48 -40.59 -22.90 -17.21
C LEU C 48 -40.62 -24.35 -17.64
N GLY C 49 -39.49 -25.04 -17.56
CA GLY C 49 -39.43 -26.41 -18.05
C GLY C 49 -38.00 -26.89 -18.11
N ARG C 50 -37.85 -28.07 -18.70
CA ARG C 50 -36.56 -28.74 -18.76
C ARG C 50 -36.48 -29.50 -20.08
N ILE C 51 -35.25 -29.73 -20.55
CA ILE C 51 -35.01 -30.43 -21.81
C ILE C 51 -33.95 -31.51 -21.62
N ASN C 52 -34.15 -32.64 -22.29
CA ASN C 52 -33.19 -33.74 -22.30
C ASN C 52 -32.17 -33.45 -23.39
N THR C 53 -31.01 -32.93 -22.99
CA THR C 53 -30.02 -32.46 -23.95
C THR C 53 -29.53 -33.57 -24.88
N ASN C 54 -29.78 -34.83 -24.54
CA ASN C 54 -29.32 -35.87 -25.46
C ASN C 54 -30.38 -36.19 -26.51
N ALA C 55 -31.45 -36.88 -26.13
CA ALA C 55 -32.53 -37.17 -27.07
C ALA C 55 -33.27 -35.90 -27.52
N GLY C 56 -33.22 -34.82 -26.74
CA GLY C 56 -33.86 -33.57 -27.14
C GLY C 56 -35.30 -33.41 -26.68
N LEU C 57 -35.75 -34.21 -25.72
CA LEU C 57 -37.13 -34.15 -25.26
C LEU C 57 -37.33 -33.02 -24.26
N MET C 58 -38.43 -32.30 -24.42
CA MET C 58 -38.74 -31.18 -23.55
C MET C 58 -39.95 -31.51 -22.69
N TYR C 59 -39.92 -31.01 -21.46
CA TYR C 59 -41.04 -31.09 -20.54
C TYR C 59 -41.23 -29.70 -19.96
N LEU C 60 -42.45 -29.20 -20.01
CA LEU C 60 -42.73 -27.83 -19.58
C LEU C 60 -43.84 -27.80 -18.55
N SER C 61 -43.85 -26.72 -17.78
CA SER C 61 -44.98 -26.46 -16.89
C SER C 61 -46.24 -26.22 -17.71
N HIS C 62 -47.36 -26.77 -17.24
CA HIS C 62 -48.60 -26.65 -18.01
C HIS C 62 -48.89 -25.21 -18.44
N LYS C 63 -48.54 -24.23 -17.61
CA LYS C 63 -48.78 -22.82 -17.91
C LYS C 63 -48.18 -22.37 -19.25
N PHE C 64 -47.18 -23.11 -19.77
CA PHE C 64 -46.48 -22.71 -20.99
C PHE C 64 -46.60 -23.71 -22.15
N GLU C 65 -47.25 -24.85 -21.96
CA GLU C 65 -47.45 -25.79 -23.06
C GLU C 65 -48.18 -25.08 -24.21
N GLY C 66 -47.59 -25.10 -25.40
CA GLY C 66 -48.18 -24.44 -26.54
C GLY C 66 -47.70 -23.02 -26.79
N ARG C 67 -46.95 -22.44 -25.85
CA ARG C 67 -46.38 -21.11 -26.02
C ARG C 67 -44.86 -21.10 -25.96
N LEU C 68 -44.23 -22.20 -25.57
CA LEU C 68 -42.78 -22.24 -25.38
C LEU C 68 -42.23 -23.52 -25.98
N ILE C 69 -41.06 -23.39 -26.63
CA ILE C 69 -40.36 -24.51 -27.22
C ILE C 69 -38.90 -24.45 -26.79
N LEU C 70 -38.39 -25.59 -26.30
CA LEU C 70 -36.99 -25.74 -25.92
C LEU C 70 -36.28 -26.56 -26.98
N ARG C 71 -35.06 -26.14 -27.31
CA ARG C 71 -34.28 -26.82 -28.33
C ARG C 71 -32.85 -26.99 -27.84
N ARG C 72 -32.18 -28.00 -28.38
CA ARG C 72 -30.83 -28.34 -27.96
C ARG C 72 -29.95 -28.48 -29.19
N VAL C 73 -28.80 -27.84 -29.18
CA VAL C 73 -27.89 -27.96 -30.31
C VAL C 73 -26.66 -28.74 -29.89
N VAL C 74 -26.67 -30.05 -30.14
CA VAL C 74 -25.54 -30.89 -29.75
C VAL C 74 -24.43 -30.62 -30.74
N ASP C 75 -23.17 -30.79 -30.35
CA ASP C 75 -22.08 -30.50 -31.26
C ASP C 75 -21.24 -31.76 -31.38
N TRP C 76 -20.94 -32.12 -32.63
CA TRP C 76 -19.99 -33.20 -32.89
C TRP C 76 -18.63 -32.65 -32.46
N ARG C 77 -17.57 -33.48 -32.48
CA ARG C 77 -16.29 -32.90 -32.15
C ARG C 77 -16.30 -32.49 -30.68
N THR C 78 -17.42 -32.73 -29.96
CA THR C 78 -17.48 -32.17 -28.62
C THR C 78 -18.42 -32.97 -27.76
N PRO C 79 -17.98 -33.47 -26.67
CA PRO C 79 -18.93 -33.93 -25.65
C PRO C 79 -19.11 -32.87 -24.56
N SER C 80 -18.12 -31.97 -24.43
CA SER C 80 -18.12 -31.00 -23.35
C SER C 80 -18.65 -29.63 -23.76
N LEU C 81 -19.34 -29.55 -24.89
CA LEU C 81 -19.85 -28.29 -25.40
C LEU C 81 -21.25 -28.50 -25.92
N GLY C 82 -22.18 -27.63 -25.53
CA GLY C 82 -23.53 -27.73 -26.03
C GLY C 82 -24.24 -26.41 -25.91
N THR C 83 -25.38 -26.30 -26.58
CA THR C 83 -26.14 -25.07 -26.61
C THR C 83 -27.62 -25.39 -26.48
N VAL C 84 -28.30 -24.70 -25.58
CA VAL C 84 -29.73 -24.88 -25.37
C VAL C 84 -30.40 -23.54 -25.56
N ASN C 85 -31.33 -23.47 -26.50
CA ASN C 85 -32.08 -22.25 -26.76
C ASN C 85 -33.49 -22.40 -26.23
N MET C 86 -34.09 -21.25 -25.93
CA MET C 86 -35.46 -21.19 -25.46
C MET C 86 -36.18 -20.14 -26.31
N GLU C 87 -37.37 -20.47 -26.82
CA GLU C 87 -38.14 -19.53 -27.63
C GLU C 87 -39.55 -19.43 -27.07
N LEU C 88 -39.89 -18.26 -26.52
CA LEU C 88 -41.21 -17.95 -25.97
C LEU C 88 -41.94 -17.03 -26.94
N ARG C 89 -43.19 -17.37 -27.25
CA ARG C 89 -43.95 -16.66 -28.27
C ARG C 89 -45.04 -15.82 -27.64
N ASN C 90 -45.42 -14.75 -28.34
CA ASN C 90 -46.49 -13.85 -27.93
C ASN C 90 -46.20 -13.23 -26.55
N VAL C 91 -45.09 -12.51 -26.46
CA VAL C 91 -44.64 -12.04 -25.15
C VAL C 91 -45.49 -10.86 -24.70
N ARG C 92 -46.15 -11.03 -23.57
CA ARG C 92 -46.83 -9.93 -22.89
C ARG C 92 -45.98 -9.49 -21.70
N SER C 93 -46.34 -8.33 -21.14
CA SER C 93 -45.50 -7.78 -20.08
C SER C 93 -45.57 -8.62 -18.81
N ASP C 94 -46.48 -9.61 -18.72
CA ASP C 94 -46.40 -10.62 -17.65
C ASP C 94 -45.20 -11.56 -17.83
N ASP C 95 -44.41 -11.36 -18.89
CA ASP C 95 -43.25 -12.17 -19.19
C ASP C 95 -41.93 -11.42 -18.98
N SER C 96 -41.97 -10.10 -18.76
CA SER C 96 -40.77 -9.34 -18.42
C SER C 96 -40.15 -9.91 -17.15
N ALA C 97 -38.90 -10.34 -17.24
CA ALA C 97 -38.25 -11.03 -16.14
C ALA C 97 -36.83 -11.37 -16.58
N ILE C 98 -36.04 -11.83 -15.62
CA ILE C 98 -34.72 -12.40 -15.91
C ILE C 98 -34.89 -13.89 -16.16
N TYR C 99 -34.26 -14.41 -17.21
CA TYR C 99 -34.42 -15.80 -17.60
C TYR C 99 -33.11 -16.56 -17.37
N PHE C 100 -33.18 -17.56 -16.50
CA PHE C 100 -32.00 -18.27 -16.03
C PHE C 100 -31.92 -19.66 -16.62
N CYS C 101 -30.68 -20.14 -16.74
CA CYS C 101 -30.37 -21.42 -17.34
C CYS C 101 -29.56 -22.22 -16.32
N GLY C 102 -30.04 -23.42 -16.00
CA GLY C 102 -29.53 -24.16 -14.87
C GLY C 102 -29.42 -25.64 -15.17
N ARG C 103 -28.36 -26.22 -14.65
CA ARG C 103 -28.03 -27.64 -14.77
C ARG C 103 -28.22 -28.32 -13.42
N VAL C 104 -28.69 -29.58 -13.46
CA VAL C 104 -28.99 -30.34 -12.25
C VAL C 104 -27.70 -30.89 -11.65
N VAL C 105 -27.71 -31.06 -10.33
CA VAL C 105 -26.68 -31.81 -9.60
C VAL C 105 -26.48 -33.15 -10.29
N ASP C 106 -25.27 -33.69 -10.22
CA ASP C 106 -24.99 -35.00 -10.82
C ASP C 106 -25.82 -36.07 -10.13
N GLY C 107 -26.55 -36.85 -10.94
CA GLY C 107 -27.41 -37.89 -10.41
C GLY C 107 -28.89 -37.54 -10.47
N PHE C 108 -29.22 -36.29 -10.17
CA PHE C 108 -30.62 -35.86 -10.06
C PHE C 108 -31.27 -35.52 -11.40
N ASN C 109 -30.89 -36.20 -12.48
CA ASN C 109 -31.53 -35.98 -13.77
C ASN C 109 -33.04 -36.13 -13.69
N ALA C 110 -33.53 -36.92 -12.74
CA ALA C 110 -34.96 -37.18 -12.57
C ALA C 110 -35.66 -36.13 -11.71
N ALA C 111 -34.91 -35.31 -10.97
CA ALA C 111 -35.48 -34.27 -10.13
C ALA C 111 -35.15 -32.89 -10.71
N GLY C 112 -35.10 -31.86 -9.85
CA GLY C 112 -34.71 -30.54 -10.30
C GLY C 112 -33.99 -29.63 -9.32
N PRO C 113 -32.97 -30.14 -8.58
CA PRO C 113 -32.09 -29.23 -7.82
C PRO C 113 -30.96 -28.68 -8.68
N LEU C 114 -30.99 -27.39 -9.00
CA LEU C 114 -30.06 -26.76 -9.92
C LEU C 114 -28.79 -26.30 -9.19
N GLU C 115 -27.65 -26.84 -9.61
CA GLU C 115 -26.36 -26.49 -9.00
C GLU C 115 -25.63 -25.39 -9.76
N PHE C 116 -25.70 -25.38 -11.08
CA PHE C 116 -25.00 -24.41 -11.90
C PHE C 116 -26.02 -23.58 -12.68
N TRP C 117 -25.84 -22.25 -12.66
CA TRP C 117 -26.74 -21.33 -13.34
C TRP C 117 -25.97 -20.52 -14.37
N GLY C 118 -26.73 -19.92 -15.29
CA GLY C 118 -26.20 -18.89 -16.15
C GLY C 118 -26.13 -17.57 -15.41
N GLN C 119 -25.63 -16.55 -16.10
CA GLN C 119 -25.54 -15.24 -15.48
C GLN C 119 -26.90 -14.57 -15.38
N GLY C 120 -27.84 -14.91 -16.25
CA GLY C 120 -29.16 -14.34 -16.34
C GLY C 120 -29.30 -13.55 -17.63
N SER C 121 -30.52 -13.58 -18.19
CA SER C 121 -30.85 -12.87 -19.43
C SER C 121 -32.09 -12.02 -19.23
N PRO C 122 -31.92 -10.74 -18.86
CA PRO C 122 -33.09 -9.87 -18.72
C PRO C 122 -33.84 -9.76 -20.03
N VAL C 123 -35.16 -9.83 -19.95
CA VAL C 123 -36.03 -9.65 -21.11
C VAL C 123 -37.18 -8.72 -20.69
N ILE C 124 -37.33 -7.60 -21.39
CA ILE C 124 -38.36 -6.63 -21.07
C ILE C 124 -39.35 -6.53 -22.22
N VAL C 125 -40.63 -6.46 -21.88
CA VAL C 125 -41.71 -6.39 -22.86
C VAL C 125 -42.20 -4.95 -22.87
N SER C 126 -41.69 -4.14 -23.80
CA SER C 126 -42.11 -2.76 -23.91
C SER C 126 -42.33 -2.40 -25.37
N SER C 127 -43.35 -1.58 -25.63
CA SER C 127 -43.62 -1.11 -26.98
C SER C 127 -42.80 0.12 -27.34
N ALA C 128 -41.73 0.40 -26.59
CA ALA C 128 -41.02 1.65 -26.70
C ALA C 128 -39.66 1.48 -27.38
N SER C 129 -39.20 2.56 -27.99
CA SER C 129 -37.86 2.64 -28.56
C SER C 129 -36.94 3.45 -27.65
N THR C 130 -35.67 3.47 -28.01
CA THR C 130 -34.68 4.20 -27.22
C THR C 130 -35.14 5.65 -27.03
N LYS C 131 -35.00 6.15 -25.81
CA LYS C 131 -35.46 7.50 -25.50
C LYS C 131 -34.69 8.05 -24.32
N GLY C 132 -34.28 9.31 -24.42
CA GLY C 132 -33.58 9.99 -23.36
C GLY C 132 -34.55 10.56 -22.34
N PRO C 133 -34.15 10.58 -21.08
CA PRO C 133 -35.09 10.95 -20.02
C PRO C 133 -35.37 12.45 -19.99
N SER C 134 -36.63 12.77 -19.68
CA SER C 134 -36.99 14.08 -19.15
C SER C 134 -36.63 14.11 -17.67
N VAL C 135 -35.96 15.18 -17.24
CA VAL C 135 -35.53 15.30 -15.84
C VAL C 135 -36.19 16.53 -15.24
N PHE C 136 -36.96 16.32 -14.17
CA PHE C 136 -37.70 17.38 -13.50
C PHE C 136 -37.24 17.55 -12.06
N PRO C 137 -37.33 18.76 -11.52
CA PRO C 137 -36.83 18.99 -10.16
C PRO C 137 -37.84 18.59 -9.10
N LEU C 138 -37.31 18.13 -7.98
CA LEU C 138 -38.08 17.92 -6.76
C LEU C 138 -37.61 18.99 -5.77
N ALA C 139 -38.40 20.08 -5.68
CA ALA C 139 -37.96 21.27 -4.99
C ALA C 139 -37.99 21.07 -3.48
N PRO C 140 -37.14 21.80 -2.75
CA PRO C 140 -36.84 21.43 -1.36
C PRO C 140 -38.04 21.46 -0.43
N SER C 141 -37.97 20.58 0.59
CA SER C 141 -39.00 20.49 1.61
C SER C 141 -39.32 21.85 2.22
N SER C 142 -38.29 22.57 2.70
CA SER C 142 -38.49 23.77 3.50
C SER C 142 -37.89 25.00 2.78
N LYS C 143 -37.89 26.14 3.48
CA LYS C 143 -37.62 27.45 2.89
C LYS C 143 -36.45 28.12 3.60
N SER C 144 -35.25 27.53 3.49
CA SER C 144 -34.02 28.18 3.95
C SER C 144 -34.05 28.52 5.43
N THR C 145 -35.06 29.26 5.89
CA THR C 145 -35.18 29.69 7.26
C THR C 145 -35.96 28.70 8.15
N SER C 146 -36.09 27.43 7.72
CA SER C 146 -36.93 26.47 8.44
C SER C 146 -36.21 25.82 9.63
N GLY C 147 -34.89 25.67 9.53
CA GLY C 147 -34.07 25.29 10.66
C GLY C 147 -33.72 23.82 10.76
N GLY C 148 -34.26 22.97 9.89
CA GLY C 148 -34.04 21.54 10.00
C GLY C 148 -33.28 20.95 8.84
N THR C 149 -33.53 19.68 8.53
CA THR C 149 -32.97 19.04 7.36
C THR C 149 -33.97 19.10 6.21
N ALA C 150 -33.50 19.47 5.02
CA ALA C 150 -34.34 19.55 3.83
C ALA C 150 -34.15 18.33 2.94
N ALA C 151 -35.11 18.14 2.04
CA ALA C 151 -35.09 17.03 1.09
C ALA C 151 -35.35 17.62 -0.30
N LEU C 152 -34.55 17.19 -1.28
CA LEU C 152 -34.72 17.63 -2.67
C LEU C 152 -34.20 16.53 -3.59
N GLY C 153 -34.56 16.58 -4.86
CA GLY C 153 -34.13 15.57 -5.79
C GLY C 153 -34.34 15.95 -7.23
N CYS C 154 -34.09 14.98 -8.05
CA CYS C 154 -34.52 15.00 -9.42
C CYS C 154 -35.29 13.77 -9.78
N LEU C 155 -36.33 13.95 -10.57
CA LEU C 155 -37.15 12.87 -11.07
C LEU C 155 -36.72 12.63 -12.51
N VAL C 156 -36.26 11.42 -12.78
CA VAL C 156 -35.75 11.05 -14.11
C VAL C 156 -36.81 10.17 -14.76
N LYS C 157 -37.69 10.77 -15.55
CA LYS C 157 -38.90 10.12 -16.02
C LYS C 157 -38.84 9.84 -17.52
N ASP C 158 -39.59 8.82 -17.93
CA ASP C 158 -39.81 8.47 -19.34
C ASP C 158 -38.51 8.30 -20.12
N TYR C 159 -37.86 7.14 -19.94
CA TYR C 159 -36.64 6.82 -20.67
C TYR C 159 -36.58 5.31 -20.87
N PHE C 160 -35.75 4.90 -21.81
CA PHE C 160 -35.72 3.52 -22.26
C PHE C 160 -34.57 3.34 -23.23
N PRO C 161 -33.77 2.26 -23.12
CA PRO C 161 -33.81 1.25 -22.06
C PRO C 161 -33.03 1.71 -20.84
N GLU C 162 -32.72 0.82 -19.93
CA GLU C 162 -31.84 1.17 -18.83
C GLU C 162 -30.39 0.88 -19.20
N PRO C 163 -29.42 1.43 -18.45
CA PRO C 163 -29.66 2.23 -17.25
C PRO C 163 -29.24 3.69 -17.33
N VAL C 164 -29.54 4.46 -16.28
CA VAL C 164 -29.07 5.83 -16.16
C VAL C 164 -28.12 5.92 -14.98
N THR C 165 -27.14 6.81 -15.09
CA THR C 165 -26.29 7.17 -13.95
C THR C 165 -26.73 8.53 -13.43
N VAL C 166 -26.59 8.74 -12.12
CA VAL C 166 -27.00 10.00 -11.50
C VAL C 166 -25.94 10.43 -10.49
N SER C 167 -25.25 11.54 -10.80
CA SER C 167 -24.35 12.19 -9.86
C SER C 167 -25.06 13.38 -9.22
N TRP C 168 -24.39 13.99 -8.25
CA TRP C 168 -24.86 15.24 -7.64
C TRP C 168 -23.68 16.18 -7.52
N ASN C 169 -23.82 17.39 -8.05
CA ASN C 169 -22.71 18.33 -8.16
C ASN C 169 -21.49 17.65 -8.79
N SER C 170 -21.73 16.75 -9.74
CA SER C 170 -20.66 16.04 -10.45
C SER C 170 -19.72 15.32 -9.48
N GLY C 171 -20.31 14.69 -8.46
CA GLY C 171 -19.57 13.85 -7.56
C GLY C 171 -19.23 14.47 -6.22
N ALA C 172 -19.19 15.80 -6.14
CA ALA C 172 -18.77 16.44 -4.89
C ALA C 172 -19.72 16.11 -3.75
N LEU C 173 -20.98 15.81 -4.05
CA LEU C 173 -22.00 15.57 -3.05
C LEU C 173 -22.36 14.09 -3.05
N THR C 174 -22.14 13.42 -1.92
CA THR C 174 -22.36 11.98 -1.83
C THR C 174 -23.18 11.64 -0.60
N SER C 175 -23.04 12.43 0.46
CA SER C 175 -23.67 12.12 1.73
C SER C 175 -25.16 12.40 1.67
N GLY C 176 -25.95 11.47 2.21
CA GLY C 176 -27.39 11.63 2.24
C GLY C 176 -28.09 11.33 0.94
N VAL C 177 -27.37 10.85 -0.08
CA VAL C 177 -27.93 10.61 -1.40
C VAL C 177 -28.58 9.24 -1.45
N HIS C 178 -29.74 9.18 -2.12
CA HIS C 178 -30.47 7.93 -2.34
C HIS C 178 -31.02 7.97 -3.77
N THR C 179 -30.39 7.22 -4.67
CA THR C 179 -30.95 7.01 -6.01
C THR C 179 -31.72 5.69 -5.96
N PHE C 180 -33.01 5.72 -6.35
CA PHE C 180 -33.90 4.60 -6.06
C PHE C 180 -33.95 3.62 -7.22
N PRO C 181 -34.38 2.39 -6.96
CA PRO C 181 -34.56 1.43 -8.07
C PRO C 181 -35.55 1.98 -9.09
N ALA C 182 -35.14 1.96 -10.36
CA ALA C 182 -36.05 2.36 -11.43
C ALA C 182 -37.23 1.41 -11.48
N VAL C 183 -38.39 1.96 -11.81
CA VAL C 183 -39.62 1.20 -11.96
C VAL C 183 -40.18 1.47 -13.37
N LEU C 184 -40.54 0.41 -14.08
CA LEU C 184 -41.11 0.55 -15.41
C LEU C 184 -42.63 0.72 -15.31
N GLN C 185 -43.15 1.69 -16.07
CA GLN C 185 -44.54 2.11 -15.92
C GLN C 185 -45.45 1.39 -16.92
N SER C 186 -46.74 1.73 -16.91
CA SER C 186 -47.68 1.16 -17.86
C SER C 186 -47.41 1.63 -19.28
N SER C 187 -46.74 2.77 -19.44
CA SER C 187 -46.40 3.29 -20.76
C SER C 187 -45.24 2.55 -21.43
N GLY C 188 -44.60 1.62 -20.73
CA GLY C 188 -43.43 0.95 -21.30
C GLY C 188 -42.14 1.71 -21.15
N LEU C 189 -42.14 2.82 -20.42
CA LEU C 189 -40.95 3.62 -20.22
C LEU C 189 -40.57 3.62 -18.74
N TYR C 190 -39.28 3.77 -18.49
CA TYR C 190 -38.76 3.71 -17.13
C TYR C 190 -38.82 5.09 -16.47
N SER C 191 -38.86 5.07 -15.14
CA SER C 191 -38.89 6.31 -14.37
C SER C 191 -38.25 6.08 -13.01
N LEU C 192 -37.43 7.03 -12.59
CA LEU C 192 -36.62 6.89 -11.39
C LEU C 192 -36.51 8.21 -10.64
N SER C 193 -36.15 8.09 -9.36
CA SER C 193 -36.02 9.21 -8.45
C SER C 193 -34.65 9.19 -7.80
N SER C 194 -34.08 10.36 -7.59
CA SER C 194 -32.81 10.51 -6.87
C SER C 194 -32.95 11.72 -5.96
N VAL C 195 -32.80 11.50 -4.65
CA VAL C 195 -32.95 12.58 -3.67
C VAL C 195 -31.68 12.67 -2.83
N VAL C 196 -31.57 13.80 -2.14
CA VAL C 196 -30.49 14.01 -1.18
C VAL C 196 -31.01 14.87 -0.03
N THR C 197 -30.62 14.53 1.19
CA THR C 197 -31.00 15.30 2.37
C THR C 197 -29.88 16.26 2.75
N VAL C 198 -30.25 17.51 2.99
CA VAL C 198 -29.29 18.55 3.33
C VAL C 198 -29.88 19.45 4.42
N PRO C 199 -29.03 20.19 5.11
CA PRO C 199 -29.53 21.16 6.10
C PRO C 199 -30.38 22.26 5.45
N SER C 200 -31.52 22.56 6.07
CA SER C 200 -32.41 23.60 5.53
C SER C 200 -31.64 24.89 5.25
N SER C 201 -30.68 25.24 6.12
CA SER C 201 -29.92 26.46 5.89
C SER C 201 -29.06 26.36 4.64
N SER C 202 -28.71 25.16 4.20
CA SER C 202 -27.84 25.02 3.02
C SER C 202 -28.50 25.59 1.77
N LEU C 203 -29.82 25.52 1.69
CA LEU C 203 -30.53 26.15 0.60
C LEU C 203 -30.28 27.66 0.63
N GLY C 204 -29.99 28.22 -0.54
CA GLY C 204 -29.61 29.61 -0.64
C GLY C 204 -28.15 29.88 -0.39
N THR C 205 -27.44 28.93 0.23
CA THR C 205 -25.99 29.01 0.39
C THR C 205 -25.25 28.11 -0.59
N GLN C 206 -25.86 27.02 -1.04
CA GLN C 206 -25.19 26.07 -1.92
C GLN C 206 -26.05 25.72 -3.13
N THR C 207 -25.37 25.43 -4.22
CA THR C 207 -26.00 25.03 -5.47
C THR C 207 -26.08 23.50 -5.54
N TYR C 208 -27.26 23.00 -5.87
CA TYR C 208 -27.49 21.56 -5.99
C TYR C 208 -27.95 21.25 -7.42
N ILE C 209 -27.30 20.30 -8.08
CA ILE C 209 -27.64 19.98 -9.46
C ILE C 209 -27.51 18.49 -9.67
N CYS C 210 -28.50 17.82 -10.22
CA CYS C 210 -28.32 16.41 -10.56
C CYS C 210 -27.68 16.38 -11.97
N ASN C 211 -26.73 15.39 -12.11
CA ASN C 211 -26.03 15.02 -13.33
C ASN C 211 -26.57 13.68 -13.77
N VAL C 212 -27.52 13.68 -14.71
CA VAL C 212 -28.10 12.48 -15.28
C VAL C 212 -27.39 12.17 -16.60
N ASN C 213 -27.02 10.91 -16.79
CA ASN C 213 -26.32 10.45 -17.99
C ASN C 213 -26.96 9.15 -18.42
N HIS C 214 -27.80 9.20 -19.44
CA HIS C 214 -28.41 8.01 -20.02
C HIS C 214 -27.61 7.63 -21.27
N LYS C 215 -26.84 6.54 -21.18
CA LYS C 215 -25.88 6.20 -22.24
C LYS C 215 -26.55 5.56 -23.44
N PRO C 216 -27.47 4.61 -23.24
CA PRO C 216 -28.26 4.13 -24.39
C PRO C 216 -28.81 5.26 -25.24
N SER C 217 -29.11 6.41 -24.68
CA SER C 217 -29.67 7.44 -25.53
C SER C 217 -28.63 8.46 -25.94
N ASN C 218 -27.39 8.33 -25.46
CA ASN C 218 -26.38 9.38 -25.63
C ASN C 218 -26.94 10.73 -25.21
N THR C 219 -27.54 10.76 -24.03
CA THR C 219 -28.09 11.96 -23.43
C THR C 219 -27.37 12.26 -22.13
N LYS C 220 -26.99 13.52 -21.94
CA LYS C 220 -26.36 13.99 -20.71
C LYS C 220 -27.04 15.28 -20.29
N VAL C 221 -27.67 15.26 -19.11
CA VAL C 221 -28.44 16.40 -18.62
C VAL C 221 -28.00 16.75 -17.20
N ASP C 222 -27.88 18.04 -16.92
CA ASP C 222 -27.57 18.55 -15.58
C ASP C 222 -28.58 19.63 -15.26
N LYS C 223 -29.47 19.36 -14.29
CA LYS C 223 -30.56 20.26 -13.94
C LYS C 223 -30.38 20.76 -12.52
N LYS C 224 -30.58 22.07 -12.32
CA LYS C 224 -30.43 22.69 -11.01
C LYS C 224 -31.75 22.63 -10.26
N VAL C 225 -31.68 22.24 -8.98
CA VAL C 225 -32.86 22.09 -8.13
C VAL C 225 -32.87 23.25 -7.15
N GLU C 226 -33.85 24.13 -7.28
CA GLU C 226 -34.02 25.27 -6.40
C GLU C 226 -35.45 25.33 -5.90
N PRO C 227 -35.70 26.08 -4.83
CA PRO C 227 -37.05 26.10 -4.24
C PRO C 227 -37.99 27.05 -5.00
N LYS C 228 -39.23 27.07 -4.55
CA LYS C 228 -40.25 27.93 -5.14
C LYS C 228 -40.77 28.91 -4.10
N SER C 229 -41.32 30.01 -4.59
CA SER C 229 -42.01 30.99 -3.74
C SER C 229 -42.49 32.17 -4.60
N GLN D 1 -50.70 -27.75 -8.92
CA GLN D 1 -49.34 -27.47 -8.45
C GLN D 1 -49.18 -27.56 -6.92
N VAL D 2 -47.99 -27.96 -6.47
CA VAL D 2 -47.71 -28.03 -5.04
C VAL D 2 -47.39 -26.65 -4.49
N VAL D 3 -47.96 -26.30 -3.34
CA VAL D 3 -47.79 -24.97 -2.75
C VAL D 3 -46.73 -25.01 -1.65
N MET D 4 -45.77 -24.09 -1.73
CA MET D 4 -44.69 -23.96 -0.74
C MET D 4 -44.90 -22.67 0.04
N THR D 5 -45.28 -22.79 1.31
CA THR D 5 -45.47 -21.64 2.17
C THR D 5 -44.27 -21.49 3.08
N GLN D 6 -43.54 -20.39 2.91
CA GLN D 6 -42.35 -20.12 3.71
C GLN D 6 -42.71 -19.25 4.91
N SER D 7 -41.76 -19.16 5.83
CA SER D 7 -41.94 -18.26 6.97
C SER D 7 -40.67 -18.23 7.81
N PRO D 8 -40.42 -17.12 8.53
CA PRO D 8 -41.23 -15.92 8.39
C PRO D 8 -40.91 -15.22 7.07
N ALA D 9 -41.65 -14.16 6.75
CA ALA D 9 -41.37 -13.38 5.54
C ALA D 9 -40.07 -12.60 5.71
N THR D 10 -40.03 -11.75 6.71
CA THR D 10 -38.80 -11.08 7.09
C THR D 10 -38.13 -11.87 8.20
N LEU D 11 -36.86 -11.54 8.44
CA LEU D 11 -36.10 -12.14 9.52
C LEU D 11 -34.81 -11.35 9.71
N SER D 12 -34.74 -10.51 10.75
CA SER D 12 -33.56 -9.70 10.98
C SER D 12 -32.69 -10.31 12.06
N LEU D 13 -31.36 -10.27 11.86
CA LEU D 13 -30.43 -10.92 12.78
C LEU D 13 -29.13 -10.11 12.83
N SER D 14 -28.35 -10.38 13.91
CA SER D 14 -27.02 -9.83 14.08
C SER D 14 -25.96 -10.89 13.76
N PRO D 15 -24.83 -10.49 13.19
CA PRO D 15 -23.74 -11.46 12.94
C PRO D 15 -23.44 -12.28 14.18
N GLY D 16 -23.64 -13.59 14.08
CA GLY D 16 -23.45 -14.46 15.23
C GLY D 16 -24.71 -15.20 15.65
N GLU D 17 -25.85 -14.52 15.67
CA GLU D 17 -27.10 -15.21 15.96
C GLU D 17 -27.33 -16.32 14.93
N THR D 18 -28.26 -17.21 15.23
CA THR D 18 -28.53 -18.33 14.35
C THR D 18 -29.95 -18.23 13.80
N ALA D 19 -30.13 -18.62 12.53
CA ALA D 19 -31.35 -18.40 11.78
C ALA D 19 -31.96 -19.73 11.35
N ALA D 20 -33.29 -19.74 11.28
CA ALA D 20 -34.04 -20.92 10.88
C ALA D 20 -35.20 -20.49 9.99
N VAL D 21 -35.17 -20.90 8.73
CA VAL D 21 -36.24 -20.58 7.79
C VAL D 21 -37.04 -21.86 7.57
N SER D 22 -38.34 -21.79 7.85
CA SER D 22 -39.23 -22.94 7.67
C SER D 22 -39.92 -22.86 6.32
N CYS D 23 -40.13 -24.04 5.74
CA CYS D 23 -40.87 -24.15 4.48
C CYS D 23 -41.85 -25.31 4.65
N ARG D 24 -43.13 -25.00 4.58
CA ARG D 24 -44.18 -26.02 4.65
C ARG D 24 -44.77 -26.26 3.27
N ALA D 25 -44.89 -27.53 2.90
CA ALA D 25 -45.52 -27.93 1.66
C ALA D 25 -46.98 -28.31 1.89
N SER D 26 -47.78 -28.16 0.85
CA SER D 26 -49.20 -28.50 0.88
C SER D 26 -49.44 -30.00 0.71
N GLN D 27 -48.39 -30.81 0.64
CA GLN D 27 -48.55 -32.26 0.58
C GLN D 27 -47.19 -32.96 0.64
N TYR D 28 -47.19 -34.19 1.14
CA TYR D 28 -45.96 -34.98 1.27
C TYR D 28 -45.08 -34.86 0.03
N VAL D 29 -43.77 -34.79 0.23
CA VAL D 29 -42.81 -34.61 -0.86
C VAL D 29 -41.51 -35.37 -0.60
N ASP D 30 -41.60 -36.54 0.06
CA ASP D 30 -40.40 -37.30 0.43
C ASP D 30 -39.36 -36.29 0.93
N ARG D 31 -38.27 -36.13 0.16
CA ARG D 31 -37.22 -35.20 0.54
C ARG D 31 -36.76 -34.36 -0.66
N SER D 32 -37.63 -34.16 -1.65
CA SER D 32 -37.24 -33.43 -2.86
C SER D 32 -37.35 -31.93 -2.61
N ILE D 33 -36.51 -31.45 -1.69
CA ILE D 33 -36.53 -30.06 -1.26
C ILE D 33 -35.14 -29.46 -1.38
N SER D 34 -35.05 -28.32 -2.06
CA SER D 34 -33.78 -27.62 -2.23
C SER D 34 -33.90 -26.21 -1.67
N TRP D 35 -32.75 -25.65 -1.28
CA TRP D 35 -32.70 -24.29 -0.77
C TRP D 35 -31.72 -23.46 -1.59
N TYR D 36 -32.13 -22.23 -1.89
CA TYR D 36 -31.39 -21.33 -2.77
C TYR D 36 -31.20 -19.98 -2.12
N GLN D 37 -29.98 -19.44 -2.25
CA GLN D 37 -29.62 -18.11 -1.81
C GLN D 37 -29.58 -17.17 -3.00
N LEU D 38 -30.14 -15.96 -2.83
CA LEU D 38 -30.31 -15.02 -3.93
C LEU D 38 -29.94 -13.61 -3.48
N LYS D 39 -28.90 -13.04 -4.10
CA LYS D 39 -28.47 -11.67 -3.84
C LYS D 39 -28.78 -10.79 -5.05
N THR D 40 -28.90 -9.49 -4.83
CA THR D 40 -29.32 -8.60 -5.91
C THR D 40 -28.30 -8.66 -7.06
N GLY D 41 -28.81 -8.69 -8.29
CA GLY D 41 -27.96 -8.69 -9.47
C GLY D 41 -27.06 -9.90 -9.58
N ARG D 42 -27.51 -11.05 -9.11
CA ARG D 42 -26.70 -12.26 -9.11
C ARG D 42 -27.62 -13.45 -9.27
N ALA D 43 -27.05 -14.55 -9.72
CA ALA D 43 -27.85 -15.73 -10.02
C ALA D 43 -28.13 -16.54 -8.75
N PRO D 44 -29.19 -17.34 -8.76
CA PRO D 44 -29.47 -18.16 -7.58
C PRO D 44 -28.30 -19.09 -7.26
N ARG D 45 -27.98 -19.18 -5.97
CA ARG D 45 -26.95 -20.08 -5.47
C ARG D 45 -27.61 -21.24 -4.73
N LEU D 46 -27.22 -22.46 -5.09
CA LEU D 46 -27.75 -23.65 -4.44
C LEU D 46 -27.06 -23.86 -3.09
N LEU D 47 -27.86 -23.98 -2.03
CA LEU D 47 -27.34 -24.22 -0.70
C LEU D 47 -27.54 -25.68 -0.28
N VAL D 48 -28.79 -26.12 -0.23
CA VAL D 48 -29.13 -27.48 0.14
C VAL D 48 -29.92 -28.10 -1.01
N TYR D 49 -29.65 -29.36 -1.29
CA TYR D 49 -30.47 -30.14 -2.20
C TYR D 49 -30.83 -31.46 -1.53
N ALA D 50 -31.92 -32.06 -2.00
CA ALA D 50 -32.49 -33.27 -1.39
C ALA D 50 -32.73 -33.11 0.11
N ALA D 51 -33.24 -31.95 0.53
CA ALA D 51 -33.62 -31.67 1.92
C ALA D 51 -32.46 -31.42 2.87
N SER D 52 -31.43 -32.28 2.85
CA SER D 52 -30.36 -32.23 3.84
C SER D 52 -28.95 -32.27 3.26
N SER D 53 -28.80 -32.45 1.96
CA SER D 53 -27.47 -32.56 1.36
C SER D 53 -26.92 -31.16 1.12
N ARG D 54 -25.95 -30.77 1.94
CA ARG D 54 -25.23 -29.52 1.69
C ARG D 54 -24.45 -29.63 0.39
N SER D 55 -24.60 -28.62 -0.48
CA SER D 55 -23.92 -28.58 -1.76
C SER D 55 -22.47 -28.15 -1.58
N ILE D 56 -21.63 -28.38 -2.62
CA ILE D 56 -20.19 -28.09 -2.51
C ILE D 56 -19.97 -26.58 -2.59
N GLY D 57 -18.91 -26.10 -1.93
CA GLY D 57 -18.64 -24.67 -1.81
C GLY D 57 -19.49 -23.94 -0.80
N VAL D 58 -20.52 -24.58 -0.26
CA VAL D 58 -21.40 -23.96 0.73
C VAL D 58 -20.82 -24.14 2.12
N PRO D 59 -20.68 -23.08 2.93
CA PRO D 59 -20.08 -23.24 4.26
C PRO D 59 -20.85 -24.24 5.11
N ASP D 60 -20.13 -24.96 5.97
CA ASP D 60 -20.70 -26.04 6.75
C ASP D 60 -21.67 -25.51 7.85
N ARG D 61 -21.88 -24.19 7.94
CA ARG D 61 -22.88 -23.60 8.84
C ARG D 61 -24.27 -23.59 8.24
N PHE D 62 -24.43 -23.90 6.96
CA PHE D 62 -25.73 -24.10 6.34
C PHE D 62 -26.16 -25.56 6.50
N SER D 63 -27.42 -25.78 6.87
CA SER D 63 -27.95 -27.12 7.03
C SER D 63 -29.46 -27.12 6.82
N GLY D 64 -29.95 -28.16 6.16
CA GLY D 64 -31.37 -28.31 5.89
C GLY D 64 -31.88 -29.61 6.47
N SER D 65 -33.04 -29.56 7.10
CA SER D 65 -33.65 -30.69 7.77
C SER D 65 -35.09 -30.83 7.33
N GLY D 66 -35.77 -31.81 7.91
CA GLY D 66 -37.20 -31.99 7.69
C GLY D 66 -37.50 -33.15 6.75
N SER D 67 -38.78 -33.45 6.64
CA SER D 67 -39.21 -34.51 5.75
C SER D 67 -40.71 -34.40 5.60
N GLY D 68 -41.23 -35.09 4.59
CA GLY D 68 -42.66 -35.14 4.40
C GLY D 68 -43.25 -33.81 3.97
N ARG D 69 -43.52 -32.94 4.94
CA ARG D 69 -44.17 -31.67 4.62
C ARG D 69 -43.58 -30.50 5.37
N ASP D 70 -42.48 -30.68 6.10
CA ASP D 70 -41.94 -29.62 6.93
C ASP D 70 -40.43 -29.68 6.90
N PHE D 71 -39.81 -28.67 6.30
CA PHE D 71 -38.37 -28.61 6.12
C PHE D 71 -37.86 -27.28 6.65
N THR D 72 -36.59 -27.29 7.06
CA THR D 72 -35.98 -26.10 7.63
C THR D 72 -34.57 -25.90 7.08
N LEU D 73 -34.22 -24.64 6.90
CA LEU D 73 -32.88 -24.22 6.55
C LEU D 73 -32.33 -23.43 7.73
N THR D 74 -31.32 -23.99 8.41
CA THR D 74 -30.72 -23.40 9.59
C THR D 74 -29.36 -22.82 9.22
N ILE D 75 -29.09 -21.59 9.64
CA ILE D 75 -27.79 -20.96 9.46
C ILE D 75 -27.22 -20.72 10.86
N ARG D 76 -26.30 -21.57 11.30
CA ARG D 76 -25.69 -21.42 12.63
C ARG D 76 -24.52 -20.45 12.53
N GLY D 77 -24.67 -19.29 13.17
CA GLY D 77 -23.59 -18.32 13.19
C GLY D 77 -23.60 -17.46 11.96
N VAL D 78 -24.66 -16.68 11.79
CA VAL D 78 -24.79 -15.81 10.63
C VAL D 78 -23.61 -14.86 10.51
N GLN D 79 -23.27 -14.51 9.28
CA GLN D 79 -22.26 -13.51 8.99
C GLN D 79 -22.76 -12.62 7.86
N SER D 80 -22.04 -11.52 7.62
CA SER D 80 -22.55 -10.46 6.75
C SER D 80 -22.86 -11.00 5.35
N ASP D 81 -21.95 -11.78 4.77
CA ASP D 81 -22.18 -12.31 3.42
C ASP D 81 -23.40 -13.22 3.36
N ASP D 82 -24.08 -13.52 4.47
CA ASP D 82 -25.30 -14.33 4.46
C ASP D 82 -26.58 -13.51 4.45
N PHE D 83 -26.48 -12.18 4.51
CA PHE D 83 -27.64 -11.31 4.42
C PHE D 83 -28.14 -11.32 2.99
N ALA D 84 -29.36 -11.83 2.79
CA ALA D 84 -29.88 -12.01 1.44
C ALA D 84 -31.25 -12.66 1.48
N LEU D 85 -31.81 -12.98 0.32
CA LEU D 85 -33.08 -13.70 0.26
C LEU D 85 -32.84 -15.19 0.05
N TYR D 86 -33.79 -15.99 0.54
CA TYR D 86 -33.68 -17.44 0.49
C TYR D 86 -35.01 -18.04 0.05
N TYR D 87 -34.94 -19.01 -0.87
CA TYR D 87 -36.11 -19.64 -1.45
C TYR D 87 -36.03 -21.16 -1.29
N CYS D 88 -37.17 -21.82 -1.06
CA CYS D 88 -37.20 -23.28 -1.07
C CYS D 88 -37.81 -23.76 -2.37
N GLN D 89 -37.39 -24.96 -2.78
CA GLN D 89 -37.83 -25.54 -4.04
C GLN D 89 -38.23 -26.98 -3.84
N GLN D 90 -39.31 -27.37 -4.52
CA GLN D 90 -39.87 -28.71 -4.44
C GLN D 90 -39.89 -29.29 -5.84
N ASP D 91 -39.37 -30.52 -5.98
CA ASP D 91 -39.35 -31.22 -7.26
C ASP D 91 -39.92 -32.63 -7.16
N TYR D 92 -40.68 -32.92 -6.10
CA TYR D 92 -41.30 -34.22 -5.96
C TYR D 92 -42.39 -34.42 -7.00
N TYR D 93 -43.15 -33.37 -7.30
CA TYR D 93 -44.17 -33.36 -8.33
C TYR D 93 -43.80 -32.31 -9.36
N TRP D 94 -43.97 -32.64 -10.65
CA TRP D 94 -43.90 -31.56 -11.62
C TRP D 94 -45.24 -30.83 -11.65
N PRO D 95 -45.24 -29.50 -11.81
CA PRO D 95 -44.05 -28.70 -12.05
C PRO D 95 -43.33 -28.34 -10.76
N VAL D 96 -42.03 -28.08 -10.87
CA VAL D 96 -41.26 -27.53 -9.75
C VAL D 96 -42.01 -26.31 -9.21
N THR D 97 -41.96 -26.11 -7.90
CA THR D 97 -42.55 -24.92 -7.32
C THR D 97 -41.65 -24.39 -6.21
N PHE D 98 -41.57 -23.07 -6.08
CA PHE D 98 -40.76 -22.42 -5.07
C PHE D 98 -41.65 -21.75 -4.03
N GLY D 99 -41.07 -21.45 -2.88
CA GLY D 99 -41.73 -20.64 -1.90
C GLY D 99 -41.75 -19.18 -2.30
N GLN D 100 -42.35 -18.36 -1.44
CA GLN D 100 -42.38 -16.93 -1.70
C GLN D 100 -41.05 -16.26 -1.44
N GLY D 101 -40.16 -16.89 -0.67
CA GLY D 101 -38.89 -16.31 -0.32
C GLY D 101 -38.89 -15.71 1.08
N THR D 102 -37.68 -15.54 1.63
CA THR D 102 -37.48 -14.97 2.96
C THR D 102 -36.36 -13.94 2.90
N ARG D 103 -36.63 -12.76 3.45
CA ARG D 103 -35.63 -11.70 3.53
C ARG D 103 -34.88 -11.83 4.85
N LEU D 104 -33.56 -11.91 4.74
CA LEU D 104 -32.65 -11.97 5.89
C LEU D 104 -31.89 -10.66 5.98
N ASP D 105 -32.37 -9.78 6.85
CA ASP D 105 -31.88 -8.44 7.06
C ASP D 105 -30.81 -8.38 8.16
N MET D 106 -30.24 -7.19 8.36
CA MET D 106 -29.31 -6.93 9.46
C MET D 106 -30.06 -6.22 10.58
N LYS D 107 -30.10 -6.84 11.75
CA LYS D 107 -30.84 -6.30 12.88
C LYS D 107 -30.34 -4.89 13.21
N ARG D 108 -31.21 -4.11 13.84
CA ARG D 108 -30.89 -2.72 14.16
C ARG D 108 -32.03 -2.10 14.98
N THR D 109 -31.70 -1.16 15.86
CA THR D 109 -32.75 -0.48 16.60
C THR D 109 -33.74 0.16 15.64
N VAL D 110 -35.02 0.09 15.99
CA VAL D 110 -36.06 0.65 15.14
C VAL D 110 -35.79 2.13 14.90
N ALA D 111 -35.98 2.56 13.66
CA ALA D 111 -35.80 3.94 13.26
C ALA D 111 -36.99 4.38 12.43
N ALA D 112 -37.65 5.46 12.86
CA ALA D 112 -38.76 6.03 12.11
C ALA D 112 -38.27 6.75 10.87
N PRO D 113 -39.11 6.85 9.85
CA PRO D 113 -38.71 7.55 8.62
C PRO D 113 -38.84 9.06 8.74
N SER D 114 -37.98 9.73 7.97
CA SER D 114 -38.13 11.16 7.70
C SER D 114 -38.96 11.28 6.42
N VAL D 115 -40.15 11.82 6.54
CA VAL D 115 -41.12 11.84 5.45
C VAL D 115 -41.13 13.22 4.81
N PHE D 116 -41.18 13.24 3.48
CA PHE D 116 -41.18 14.46 2.69
C PHE D 116 -42.06 14.26 1.45
N ILE D 117 -42.86 15.26 1.12
CA ILE D 117 -43.67 15.24 -0.09
C ILE D 117 -43.08 16.22 -1.08
N PHE D 118 -43.33 15.98 -2.37
CA PHE D 118 -42.85 16.88 -3.42
C PHE D 118 -43.94 17.10 -4.46
N PRO D 119 -44.38 18.33 -4.70
CA PRO D 119 -45.44 18.53 -5.70
C PRO D 119 -44.90 18.37 -7.10
N PRO D 120 -45.79 18.29 -8.10
CA PRO D 120 -45.32 18.26 -9.49
C PRO D 120 -44.63 19.55 -9.89
N SER D 121 -43.63 19.44 -10.76
CA SER D 121 -42.87 20.59 -11.23
C SER D 121 -43.59 21.31 -12.37
N ASP D 122 -43.30 22.60 -12.50
CA ASP D 122 -43.90 23.40 -13.58
C ASP D 122 -43.41 22.93 -14.95
N GLU D 123 -42.14 22.54 -15.05
CA GLU D 123 -41.65 21.94 -16.28
C GLU D 123 -42.50 20.74 -16.69
N GLN D 124 -42.90 19.91 -15.71
CA GLN D 124 -43.70 18.73 -16.00
C GLN D 124 -45.19 19.06 -16.18
N LEU D 125 -45.65 20.20 -15.65
CA LEU D 125 -47.05 20.56 -15.81
C LEU D 125 -47.33 21.15 -17.19
N LYS D 126 -46.32 21.69 -17.86
CA LYS D 126 -46.44 22.00 -19.28
C LYS D 126 -46.35 20.77 -20.16
N SER D 127 -46.23 19.56 -19.58
CA SER D 127 -46.06 18.31 -20.31
C SER D 127 -47.40 17.62 -20.57
N GLY D 128 -48.31 17.64 -19.59
CA GLY D 128 -49.57 16.95 -19.65
C GLY D 128 -49.76 15.90 -18.58
N THR D 129 -48.83 15.78 -17.64
CA THR D 129 -48.89 14.76 -16.61
C THR D 129 -48.47 15.38 -15.28
N ALA D 130 -48.87 14.74 -14.18
CA ALA D 130 -48.62 15.24 -12.83
C ALA D 130 -48.04 14.12 -11.99
N SER D 131 -46.79 14.27 -11.57
CA SER D 131 -46.12 13.26 -10.74
C SER D 131 -45.89 13.84 -9.35
N VAL D 132 -46.61 13.29 -8.37
CA VAL D 132 -46.44 13.65 -6.98
C VAL D 132 -45.57 12.59 -6.32
N VAL D 133 -44.45 13.00 -5.75
CA VAL D 133 -43.48 12.06 -5.20
C VAL D 133 -43.44 12.19 -3.68
N CYS D 134 -43.37 11.06 -2.99
CA CYS D 134 -43.27 11.02 -1.53
C CYS D 134 -42.07 10.19 -1.14
N LEU D 135 -41.21 10.75 -0.29
CA LEU D 135 -39.98 10.10 0.13
C LEU D 135 -40.03 9.69 1.58
N LEU D 136 -39.48 8.51 1.88
CA LEU D 136 -39.34 8.00 3.24
C LEU D 136 -37.87 7.69 3.46
N ASN D 137 -37.22 8.47 4.32
CA ASN D 137 -35.77 8.44 4.42
C ASN D 137 -35.29 7.69 5.66
N ASN D 138 -34.20 6.93 5.47
CA ASN D 138 -33.52 6.13 6.50
C ASN D 138 -34.44 5.67 7.62
N PHE D 139 -35.13 4.55 7.40
CA PHE D 139 -36.03 3.95 8.38
C PHE D 139 -35.71 2.48 8.52
N TYR D 140 -36.31 1.84 9.51
CA TYR D 140 -36.09 0.44 9.85
C TYR D 140 -37.04 0.10 10.99
N PRO D 141 -37.76 -1.02 10.93
CA PRO D 141 -37.61 -2.10 9.94
C PRO D 141 -38.10 -1.80 8.52
N ARG D 142 -37.81 -2.70 7.57
CA ARG D 142 -38.14 -2.45 6.17
C ARG D 142 -39.65 -2.42 5.92
N GLU D 143 -40.43 -3.14 6.72
CA GLU D 143 -41.88 -3.14 6.58
C GLU D 143 -42.47 -1.75 6.78
N ALA D 144 -43.07 -1.19 5.74
CA ALA D 144 -43.63 0.16 5.80
C ALA D 144 -44.76 0.26 4.78
N LYS D 145 -45.58 1.30 4.93
CA LYS D 145 -46.71 1.47 4.03
C LYS D 145 -46.94 2.93 3.71
N VAL D 146 -47.29 3.18 2.45
CA VAL D 146 -47.60 4.50 1.96
C VAL D 146 -48.97 4.45 1.29
N GLN D 147 -49.80 5.43 1.59
CA GLN D 147 -51.09 5.59 0.95
C GLN D 147 -51.21 7.03 0.48
N TRP D 148 -51.87 7.23 -0.66
CA TRP D 148 -52.08 8.56 -1.20
C TRP D 148 -53.54 8.95 -1.05
N LYS D 149 -53.77 10.23 -0.74
CA LYS D 149 -55.10 10.81 -0.61
C LYS D 149 -55.15 12.12 -1.39
N VAL D 150 -56.23 12.34 -2.13
CA VAL D 150 -56.47 13.58 -2.87
C VAL D 150 -57.87 14.08 -2.53
N ASP D 151 -57.96 15.27 -1.94
CA ASP D 151 -59.22 15.74 -1.37
C ASP D 151 -59.73 14.72 -0.35
N ASN D 152 -58.79 14.01 0.29
CA ASN D 152 -59.02 13.01 1.32
C ASN D 152 -59.54 11.69 0.77
N ALA D 153 -59.65 11.57 -0.56
CA ALA D 153 -60.11 10.34 -1.18
C ALA D 153 -58.92 9.40 -1.37
N LEU D 154 -59.03 8.20 -0.82
CA LEU D 154 -57.96 7.23 -0.95
C LEU D 154 -57.78 6.83 -2.41
N GLN D 155 -56.54 6.91 -2.87
CA GLN D 155 -56.21 6.62 -4.26
C GLN D 155 -55.66 5.21 -4.38
N SER D 156 -56.00 4.55 -5.49
CA SER D 156 -55.58 3.17 -5.68
C SER D 156 -55.32 2.87 -7.15
N GLY D 157 -54.19 2.26 -7.43
CA GLY D 157 -53.88 1.82 -8.76
C GLY D 157 -53.13 2.80 -9.61
N ASN D 158 -52.71 3.94 -9.06
CA ASN D 158 -51.96 4.94 -9.81
C ASN D 158 -50.72 5.41 -9.07
N SER D 159 -50.17 4.58 -8.19
CA SER D 159 -48.91 4.88 -7.51
C SER D 159 -47.95 3.71 -7.73
N GLN D 160 -46.66 4.03 -7.67
CA GLN D 160 -45.59 3.07 -7.82
C GLN D 160 -44.52 3.35 -6.78
N GLU D 161 -43.93 2.29 -6.24
CA GLU D 161 -42.97 2.42 -5.16
C GLU D 161 -41.64 1.77 -5.53
N SER D 162 -40.61 2.21 -4.84
CA SER D 162 -39.25 1.76 -5.09
C SER D 162 -38.54 1.86 -3.75
N VAL D 163 -37.87 0.77 -3.35
CA VAL D 163 -37.19 0.71 -2.07
C VAL D 163 -35.72 0.41 -2.33
N THR D 164 -34.84 1.10 -1.61
CA THR D 164 -33.42 0.96 -1.84
C THR D 164 -32.89 -0.30 -1.15
N GLU D 165 -31.59 -0.52 -1.30
CA GLU D 165 -30.90 -1.55 -0.52
C GLU D 165 -30.61 -1.05 0.89
N GLN D 166 -30.55 -2.00 1.83
CA GLN D 166 -30.22 -1.68 3.22
C GLN D 166 -28.83 -1.05 3.32
N ASP D 167 -28.78 0.21 3.79
CA ASP D 167 -27.51 0.95 3.88
C ASP D 167 -26.46 0.12 4.59
N SER D 168 -25.24 0.12 4.04
CA SER D 168 -24.15 -0.64 4.64
C SER D 168 -23.52 0.10 5.82
N LYS D 169 -24.03 1.27 6.20
CA LYS D 169 -23.48 2.05 7.31
C LYS D 169 -24.48 2.24 8.44
N ASP D 170 -25.69 2.75 8.14
CA ASP D 170 -26.73 2.90 9.15
C ASP D 170 -27.76 1.77 9.10
N SER D 171 -27.65 0.86 8.13
CA SER D 171 -28.49 -0.34 8.01
C SER D 171 -29.95 0.00 7.76
N THR D 172 -30.21 1.19 7.22
CA THR D 172 -31.56 1.69 7.04
C THR D 172 -32.07 1.40 5.63
N TYR D 173 -33.33 1.75 5.42
CA TYR D 173 -33.96 1.71 4.12
C TYR D 173 -34.52 3.07 3.78
N SER D 174 -34.70 3.31 2.48
CA SER D 174 -35.40 4.50 2.01
C SER D 174 -36.40 4.06 0.95
N LEU D 175 -37.51 4.80 0.86
CA LEU D 175 -38.59 4.47 -0.05
C LEU D 175 -39.00 5.70 -0.86
N SER D 176 -39.32 5.46 -2.13
CA SER D 176 -39.87 6.47 -3.03
C SER D 176 -41.20 5.95 -3.55
N SER D 177 -42.23 6.80 -3.46
CA SER D 177 -43.54 6.52 -4.04
C SER D 177 -43.91 7.65 -4.99
N THR D 178 -44.33 7.29 -6.21
CA THR D 178 -44.75 8.27 -7.20
C THR D 178 -46.21 8.05 -7.55
N LEU D 179 -47.00 9.12 -7.45
CA LEU D 179 -48.41 9.11 -7.80
C LEU D 179 -48.56 9.90 -9.10
N THR D 180 -48.96 9.21 -10.17
CA THR D 180 -49.05 9.83 -11.48
C THR D 180 -50.51 10.10 -11.83
N LEU D 181 -50.77 11.29 -12.38
CA LEU D 181 -52.10 11.69 -12.78
C LEU D 181 -52.01 12.41 -14.12
N SER D 182 -53.17 12.64 -14.74
CA SER D 182 -53.24 13.54 -15.88
C SER D 182 -53.25 14.98 -15.40
N LYS D 183 -52.63 15.87 -16.17
CA LYS D 183 -52.74 17.29 -15.84
C LYS D 183 -54.20 17.66 -15.62
N ALA D 184 -55.11 17.05 -16.39
CA ALA D 184 -56.53 17.28 -16.21
C ALA D 184 -56.94 17.04 -14.77
N ASP D 185 -56.81 15.78 -14.31
CA ASP D 185 -57.30 15.44 -12.99
C ASP D 185 -56.48 16.09 -11.89
N TYR D 186 -55.23 16.45 -12.15
CA TYR D 186 -54.44 17.12 -11.13
C TYR D 186 -55.01 18.48 -10.80
N GLU D 187 -55.29 19.29 -11.82
CA GLU D 187 -55.86 20.62 -11.62
C GLU D 187 -57.35 20.57 -11.24
N LYS D 188 -57.89 19.39 -10.97
CA LYS D 188 -59.28 19.24 -10.57
C LYS D 188 -59.45 19.11 -9.07
N HIS D 189 -58.40 18.77 -8.33
CA HIS D 189 -58.49 18.70 -6.88
C HIS D 189 -57.43 19.59 -6.26
N LYS D 190 -57.51 19.74 -4.94
CA LYS D 190 -56.71 20.75 -4.27
C LYS D 190 -55.64 20.20 -3.35
N VAL D 191 -55.97 19.30 -2.43
CA VAL D 191 -55.05 18.85 -1.40
C VAL D 191 -54.48 17.49 -1.77
N TYR D 192 -53.16 17.40 -1.77
CA TYR D 192 -52.45 16.15 -2.03
C TYR D 192 -51.66 15.79 -0.78
N ALA D 193 -51.84 14.56 -0.29
CA ALA D 193 -51.23 14.17 0.97
C ALA D 193 -50.78 12.72 0.92
N CYS D 194 -49.79 12.46 1.77
CA CYS D 194 -49.02 11.22 1.74
C CYS D 194 -49.08 10.66 3.16
N GLU D 195 -49.95 9.68 3.39
CA GLU D 195 -50.08 9.08 4.71
C GLU D 195 -49.10 7.92 4.83
N VAL D 196 -48.32 7.90 5.90
CA VAL D 196 -47.28 6.89 6.11
C VAL D 196 -47.49 6.16 7.42
N THR D 197 -47.21 4.85 7.41
CA THR D 197 -47.33 3.99 8.58
C THR D 197 -46.07 3.15 8.75
N HIS D 198 -45.51 3.14 9.96
CA HIS D 198 -44.27 2.44 10.26
C HIS D 198 -44.22 2.15 11.76
N GLN D 199 -43.50 1.09 12.12
CA GLN D 199 -43.52 0.64 13.50
C GLN D 199 -42.96 1.68 14.46
N GLY D 200 -42.04 2.54 13.98
CA GLY D 200 -41.36 3.50 14.82
C GLY D 200 -42.14 4.75 15.12
N LEU D 201 -43.31 4.91 14.51
CA LEU D 201 -44.13 6.10 14.68
C LEU D 201 -45.37 5.78 15.51
N SER D 202 -45.60 6.61 16.54
CA SER D 202 -46.76 6.46 17.40
C SER D 202 -48.06 6.38 16.60
N SER D 203 -48.22 7.25 15.61
CA SER D 203 -49.43 7.27 14.79
C SER D 203 -49.06 7.67 13.38
N PRO D 204 -49.97 7.53 12.43
CA PRO D 204 -49.68 7.89 11.05
C PRO D 204 -49.13 9.30 10.93
N VAL D 205 -48.15 9.44 10.04
CA VAL D 205 -47.60 10.74 9.67
C VAL D 205 -48.13 11.10 8.30
N THR D 206 -48.75 12.28 8.20
CA THR D 206 -49.31 12.76 6.95
C THR D 206 -48.62 14.07 6.59
N LYS D 207 -47.93 14.09 5.46
CA LYS D 207 -47.36 15.31 4.90
C LYS D 207 -48.18 15.69 3.67
N SER D 208 -48.56 16.97 3.58
CA SER D 208 -49.42 17.42 2.49
C SER D 208 -48.87 18.71 1.88
N PHE D 209 -49.41 19.05 0.71
CA PHE D 209 -49.28 20.38 0.12
C PHE D 209 -50.62 20.73 -0.51
N ASN D 210 -50.91 22.02 -0.64
CA ASN D 210 -52.13 22.48 -1.27
C ASN D 210 -51.80 23.02 -2.66
N ARG D 211 -52.47 22.49 -3.69
CA ARG D 211 -52.17 22.83 -5.07
C ARG D 211 -52.23 24.34 -5.28
N GLY D 212 -51.09 24.94 -5.57
CA GLY D 212 -51.03 26.32 -5.96
C GLY D 212 -50.72 27.29 -4.85
N GLU D 213 -50.89 26.88 -3.59
CA GLU D 213 -50.66 27.78 -2.48
C GLU D 213 -49.16 27.91 -2.20
N CYS D 214 -48.77 29.11 -1.78
CA CYS D 214 -47.37 29.41 -1.47
C CYS D 214 -46.98 28.79 -0.14
#